data_3D5E
#
_entry.id   3D5E
#
_cell.length_a   117.213
_cell.length_b   78.696
_cell.length_c   97.340
_cell.angle_alpha   90.00
_cell.angle_beta   101.61
_cell.angle_gamma   90.00
#
_symmetry.space_group_name_H-M   'C 1 2 1'
#
loop_
_entity.id
_entity.type
_entity.pdbx_description
1 polymer 'Platelet-activating factor acetylhydrolase'
2 non-polymer 'DIETHYL PHOSPHONATE'
3 non-polymer 'FORMIC ACID'
4 water water
#
_entity_poly.entity_id   1
_entity_poly.type   'polypeptide(L)'
_entity_poly.pdbx_seq_one_letter_code
;AAASFGQTKIPRGNGPYSVGCTDLMFDHTNKGTFLRLYYPSQDNDRLDTLWIPNKEYFWGLSKFLGTHWLMGNILRLLFG
SMTTPANWNSPLRPGEKYPLVVFSHGLGAFRTLYSAIGIDLASHGFIVAAVEHRDRSASATYYFKDQSAAEIGDKSWLYL
RTLKQEEETHIRNEQVRQRAKECSQALSLILDIDHGKPVKNALDLKFDMEQLKDSIDREKIAVIGHSFGGATVIQTLSED
QRFRCGIALDAWMFPLGDEVYSRIPQPLFFINSEYFQYPANIIKMKKCYSPDKERKMITIRGSVHQNFADFTFATGKIIG
HMLKLKGDIDSNVAIDLSNKASLAFLQKHLGLHKDFDQWDCLIEGDDENLIPGTNINTTNQHI
;
_entity_poly.pdbx_strand_id   A,B
#
# COMPACT_ATOMS: atom_id res chain seq x y z
N THR A 8 -17.40 -22.35 28.15
CA THR A 8 -17.13 -21.63 26.87
C THR A 8 -18.38 -20.85 26.42
N LYS A 9 -18.52 -19.66 26.99
CA LYS A 9 -19.59 -18.89 26.55
C LYS A 9 -19.21 -18.08 25.33
N ILE A 10 -17.92 -18.10 24.93
CA ILE A 10 -17.51 -17.49 23.62
C ILE A 10 -18.07 -18.34 22.44
N PRO A 11 -18.90 -17.73 21.57
CA PRO A 11 -19.53 -18.50 20.49
C PRO A 11 -18.56 -18.98 19.40
N ARG A 12 -18.87 -20.17 18.85
CA ARG A 12 -18.12 -20.78 17.79
C ARG A 12 -18.43 -19.96 16.54
N GLY A 13 -17.59 -20.02 15.51
CA GLY A 13 -17.85 -19.25 14.27
C GLY A 13 -19.15 -19.75 13.66
N ASN A 14 -19.96 -18.85 13.09
CA ASN A 14 -21.14 -19.23 12.35
C ASN A 14 -20.94 -19.77 10.90
N GLY A 15 -19.73 -19.61 10.35
CA GLY A 15 -19.50 -19.95 8.97
C GLY A 15 -19.03 -21.38 8.78
N PRO A 16 -18.88 -21.80 7.52
CA PRO A 16 -18.65 -23.24 7.20
C PRO A 16 -17.21 -23.76 7.24
N TYR A 17 -16.25 -22.87 7.43
CA TYR A 17 -14.86 -23.32 7.59
C TYR A 17 -14.58 -23.58 9.02
N SER A 18 -13.70 -24.55 9.26
CA SER A 18 -13.14 -24.84 10.57
C SER A 18 -12.15 -23.73 10.94
N VAL A 19 -12.01 -23.48 12.23
CA VAL A 19 -11.11 -22.37 12.68
C VAL A 19 -9.91 -22.80 13.50
N GLY A 20 -8.74 -22.38 13.07
CA GLY A 20 -7.56 -22.62 13.81
C GLY A 20 -7.02 -21.32 14.42
N CYS A 21 -6.10 -21.46 15.37
CA CYS A 21 -5.52 -20.23 15.99
C CYS A 21 -4.05 -20.39 16.32
N THR A 22 -3.19 -19.40 16.08
CA THR A 22 -1.82 -19.53 16.58
C THR A 22 -1.34 -18.12 16.95
N ASP A 23 -0.18 -17.99 17.55
CA ASP A 23 0.41 -16.61 17.76
C ASP A 23 1.67 -16.48 16.95
N LEU A 24 1.90 -15.28 16.43
CA LEU A 24 3.09 -14.99 15.70
C LEU A 24 3.79 -13.76 16.34
N MET A 25 5.04 -13.92 16.74
CA MET A 25 5.91 -12.76 17.06
C MET A 25 7.13 -12.64 16.14
N PHE A 26 7.26 -11.53 15.40
CA PHE A 26 8.44 -11.31 14.52
C PHE A 26 8.69 -9.84 14.11
N ASP A 27 9.88 -9.30 14.34
CA ASP A 27 10.95 -9.94 15.10
C ASP A 27 10.64 -10.07 16.63
N HIS A 28 11.62 -10.47 17.45
CA HIS A 28 11.40 -10.70 18.89
C HIS A 28 11.41 -9.38 19.70
N THR A 29 11.90 -8.29 19.11
CA THR A 29 12.02 -7.03 19.84
C THR A 29 10.70 -6.29 20.14
N ASN A 30 10.81 -5.26 20.99
CA ASN A 30 9.75 -4.26 21.27
C ASN A 30 9.31 -3.50 20.02
N LYS A 31 10.10 -3.60 18.97
CA LYS A 31 9.75 -3.03 17.65
C LYS A 31 9.13 -3.99 16.58
N GLY A 32 9.11 -5.31 16.86
CA GLY A 32 8.53 -6.30 15.96
C GLY A 32 6.99 -6.35 15.97
N THR A 33 6.45 -7.30 15.22
CA THR A 33 5.03 -7.54 15.22
C THR A 33 4.70 -8.72 16.13
N PHE A 34 3.68 -8.53 16.93
CA PHE A 34 3.05 -9.57 17.73
C PHE A 34 1.57 -9.59 17.34
N LEU A 35 1.08 -10.75 16.87
CA LEU A 35 -0.31 -10.90 16.52
C LEU A 35 -0.85 -12.27 16.89
N ARG A 36 -2.13 -12.34 17.16
CA ARG A 36 -2.88 -13.64 17.14
C ARG A 36 -3.52 -13.81 15.79
N LEU A 37 -3.31 -14.96 15.18
CA LEU A 37 -3.95 -15.32 13.91
C LEU A 37 -5.11 -16.28 14.06
N TYR A 38 -6.23 -15.97 13.43
CA TYR A 38 -7.36 -16.93 13.29
C TYR A 38 -7.46 -17.23 11.82
N TYR A 39 -7.64 -18.49 11.44
CA TYR A 39 -7.53 -18.88 10.04
C TYR A 39 -8.41 -20.14 9.76
N PRO A 40 -8.80 -20.37 8.50
CA PRO A 40 -9.54 -21.61 8.12
C PRO A 40 -8.59 -22.80 8.29
N SER A 41 -8.92 -23.76 9.14
CA SER A 41 -7.98 -24.82 9.41
C SER A 41 -8.43 -26.13 8.74
N GLN A 42 -7.57 -27.13 8.85
CA GLN A 42 -7.93 -28.42 8.32
C GLN A 42 -8.80 -29.26 9.26
N ASP A 43 -9.26 -28.68 10.39
CA ASP A 43 -10.37 -29.24 11.22
C ASP A 43 -10.70 -28.44 12.49
N ASN A 44 -11.98 -28.55 12.93
CA ASN A 44 -12.52 -27.89 14.20
C ASN A 44 -12.53 -29.05 15.20
N ASP A 45 -11.63 -30.02 14.91
CA ASP A 45 -11.23 -31.14 15.79
C ASP A 45 -11.50 -30.93 17.27
N ARG A 46 -10.58 -30.22 17.92
CA ARG A 46 -10.76 -29.69 19.26
C ARG A 46 -10.75 -28.17 19.21
N LEU A 47 -11.25 -27.56 20.27
CA LEU A 47 -11.44 -26.12 20.34
C LEU A 47 -10.84 -25.73 21.69
N ASP A 48 -9.52 -25.68 21.69
CA ASP A 48 -8.75 -25.75 22.90
C ASP A 48 -7.77 -24.57 23.10
N THR A 49 -8.02 -23.44 22.40
CA THR A 49 -7.14 -22.27 22.45
C THR A 49 -7.42 -21.57 23.77
N LEU A 50 -6.38 -21.33 24.56
CA LEU A 50 -6.46 -20.62 25.84
C LEU A 50 -6.80 -19.15 25.56
N TRP A 51 -7.82 -18.62 26.21
CA TRP A 51 -8.30 -17.26 25.94
C TRP A 51 -7.26 -16.18 26.40
N ILE A 52 -6.77 -16.27 27.63
CA ILE A 52 -5.90 -15.25 28.16
C ILE A 52 -4.72 -16.05 28.65
N PRO A 53 -3.65 -16.06 27.86
CA PRO A 53 -2.68 -17.13 27.92
C PRO A 53 -1.55 -17.02 28.99
N ASN A 54 -1.48 -15.87 29.67
CA ASN A 54 -0.39 -15.53 30.63
C ASN A 54 -0.91 -14.79 31.85
N LYS A 55 -0.33 -15.06 33.00
CA LYS A 55 -0.84 -14.48 34.22
C LYS A 55 -0.67 -12.94 34.25
N GLU A 56 0.36 -12.44 33.61
CA GLU A 56 0.64 -10.98 33.58
C GLU A 56 -0.48 -10.18 32.91
N TYR A 57 -1.25 -10.76 31.99
CA TYR A 57 -2.36 -10.05 31.34
C TYR A 57 -3.39 -9.71 32.41
N PHE A 58 -3.62 -10.61 33.37
CA PHE A 58 -4.53 -10.39 34.53
C PHE A 58 -4.09 -9.26 35.45
N TRP A 59 -2.77 -9.15 35.64
CA TRP A 59 -2.16 -8.05 36.40
C TRP A 59 -2.35 -6.74 35.66
N GLY A 60 -2.05 -6.75 34.36
CA GLY A 60 -2.36 -5.67 33.47
C GLY A 60 -3.82 -5.32 33.56
N LEU A 61 -4.72 -6.30 33.44
CA LEU A 61 -6.16 -5.99 33.55
C LEU A 61 -6.55 -5.36 34.92
N SER A 62 -6.02 -5.89 36.02
CA SER A 62 -6.21 -5.22 37.34
C SER A 62 -5.80 -3.74 37.34
N LYS A 63 -4.58 -3.46 36.88
CA LYS A 63 -4.10 -2.06 36.67
C LYS A 63 -5.10 -1.13 35.99
N PHE A 64 -5.67 -1.60 34.87
CA PHE A 64 -6.61 -0.88 34.03
C PHE A 64 -7.91 -0.54 34.76
N LEU A 65 -8.35 -1.48 35.59
CA LEU A 65 -9.52 -1.27 36.41
C LEU A 65 -9.17 -0.38 37.60
N GLY A 66 -7.90 -0.30 37.94
CA GLY A 66 -7.43 0.65 38.96
C GLY A 66 -7.30 -0.02 40.31
N THR A 67 -7.17 -1.34 40.27
CA THR A 67 -7.22 -2.13 41.46
C THR A 67 -5.93 -2.85 41.80
N HIS A 68 -6.05 -3.82 42.68
N HIS A 68 -6.14 -3.86 42.66
CA HIS A 68 -4.96 -4.34 43.47
CA HIS A 68 -5.21 -4.52 43.57
C HIS A 68 -4.32 -5.57 42.88
C HIS A 68 -4.37 -5.60 42.89
N TRP A 69 -3.32 -6.08 43.59
CA TRP A 69 -2.68 -7.35 43.27
C TRP A 69 -3.76 -8.44 43.50
N LEU A 70 -4.66 -8.19 44.44
CA LEU A 70 -5.71 -9.14 44.78
C LEU A 70 -6.67 -9.39 43.63
N MET A 71 -7.16 -8.30 43.03
CA MET A 71 -8.08 -8.38 41.89
C MET A 71 -7.45 -9.12 40.70
N GLY A 72 -6.18 -8.86 40.44
CA GLY A 72 -5.42 -9.61 39.43
C GLY A 72 -5.45 -11.11 39.62
N ASN A 73 -5.20 -11.59 40.86
CA ASN A 73 -5.34 -13.00 41.21
C ASN A 73 -6.75 -13.54 41.10
N ILE A 74 -7.72 -12.75 41.51
CA ILE A 74 -9.13 -13.15 41.39
C ILE A 74 -9.54 -13.32 39.91
N LEU A 75 -9.16 -12.35 39.05
CA LEU A 75 -9.40 -12.45 37.58
C LEU A 75 -8.79 -13.72 37.07
N ARG A 76 -7.53 -13.95 37.42
CA ARG A 76 -6.80 -15.17 37.03
C ARG A 76 -7.51 -16.45 37.49
N LEU A 77 -8.01 -16.45 38.73
CA LEU A 77 -8.80 -17.56 39.25
C LEU A 77 -10.11 -17.76 38.48
N LEU A 78 -10.79 -16.69 38.16
CA LEU A 78 -12.04 -16.83 37.45
C LEU A 78 -11.88 -17.19 35.96
N PHE A 79 -10.88 -16.60 35.29
CA PHE A 79 -10.82 -16.63 33.82
C PHE A 79 -9.60 -17.33 33.23
N GLY A 80 -8.67 -17.71 34.11
CA GLY A 80 -7.32 -18.18 33.76
C GLY A 80 -7.24 -19.42 32.90
N SER A 81 -8.27 -20.24 32.94
CA SER A 81 -8.20 -21.48 32.22
C SER A 81 -9.33 -21.59 31.17
N MET A 82 -10.12 -20.53 31.05
CA MET A 82 -11.05 -20.38 29.97
C MET A 82 -10.44 -20.55 28.54
N THR A 83 -11.16 -21.26 27.67
CA THR A 83 -10.70 -21.45 26.31
C THR A 83 -11.63 -20.69 25.37
N THR A 84 -11.21 -20.56 24.13
CA THR A 84 -12.00 -19.92 23.10
C THR A 84 -12.06 -20.94 21.93
N PRO A 85 -13.19 -21.01 21.22
CA PRO A 85 -13.41 -22.17 20.30
C PRO A 85 -12.62 -22.07 18.98
N ALA A 86 -11.31 -22.26 19.06
CA ALA A 86 -10.49 -22.32 17.90
C ALA A 86 -9.52 -23.46 18.19
N ASN A 87 -9.14 -24.16 17.12
CA ASN A 87 -8.22 -25.27 17.22
C ASN A 87 -6.78 -24.78 17.21
N TRP A 88 -6.17 -24.79 18.40
CA TRP A 88 -4.83 -24.24 18.61
C TRP A 88 -3.81 -24.94 17.73
N ASN A 89 -3.12 -24.16 16.90
CA ASN A 89 -2.03 -24.62 16.03
C ASN A 89 -2.41 -25.67 14.98
N SER A 90 -3.68 -25.73 14.61
CA SER A 90 -4.14 -26.66 13.60
C SER A 90 -3.60 -26.18 12.27
N PRO A 91 -3.29 -27.11 11.33
CA PRO A 91 -2.77 -26.69 10.02
C PRO A 91 -3.71 -25.76 9.29
N LEU A 92 -3.17 -24.84 8.50
CA LEU A 92 -3.99 -24.07 7.56
C LEU A 92 -4.64 -24.95 6.48
N ARG A 93 -5.90 -24.69 6.12
CA ARG A 93 -6.55 -25.40 5.01
C ARG A 93 -5.90 -24.95 3.68
N PRO A 94 -5.25 -25.90 2.98
CA PRO A 94 -4.62 -25.68 1.69
C PRO A 94 -5.62 -25.38 0.54
N GLY A 95 -5.13 -24.81 -0.55
CA GLY A 95 -5.86 -24.87 -1.81
C GLY A 95 -6.68 -23.64 -2.12
N GLU A 96 -6.56 -22.64 -1.25
CA GLU A 96 -7.38 -21.44 -1.43
C GLU A 96 -6.56 -20.22 -0.98
N LYS A 97 -6.79 -19.07 -1.62
CA LYS A 97 -6.17 -17.80 -1.19
C LYS A 97 -7.25 -17.12 -0.36
N TYR A 98 -6.89 -16.66 0.82
CA TYR A 98 -7.88 -16.07 1.73
C TYR A 98 -7.80 -14.55 1.80
N PRO A 99 -8.96 -13.86 1.86
CA PRO A 99 -8.88 -12.42 2.21
C PRO A 99 -8.37 -12.23 3.65
N LEU A 100 -7.82 -11.04 3.89
CA LEU A 100 -7.10 -10.76 5.16
C LEU A 100 -7.71 -9.56 5.95
N VAL A 101 -8.01 -9.78 7.23
CA VAL A 101 -8.40 -8.73 8.11
C VAL A 101 -7.27 -8.48 9.13
N VAL A 102 -6.90 -7.23 9.32
CA VAL A 102 -6.07 -6.84 10.44
C VAL A 102 -6.97 -6.18 11.49
N PHE A 103 -6.92 -6.69 12.71
CA PHE A 103 -7.82 -6.29 13.76
C PHE A 103 -7.01 -5.56 14.89
N SER A 104 -7.49 -4.39 15.32
CA SER A 104 -6.86 -3.59 16.36
C SER A 104 -7.73 -3.49 17.63
N HIS A 105 -7.17 -3.90 18.75
CA HIS A 105 -7.91 -3.92 20.02
C HIS A 105 -8.07 -2.51 20.69
N GLY A 106 -8.98 -2.42 21.68
CA GLY A 106 -9.19 -1.18 22.42
C GLY A 106 -8.18 -0.90 23.55
N LEU A 107 -8.31 0.27 24.19
CA LEU A 107 -7.52 0.69 25.35
C LEU A 107 -7.77 -0.35 26.48
N GLY A 108 -6.68 -0.90 27.00
CA GLY A 108 -6.73 -1.80 28.13
C GLY A 108 -6.98 -3.23 27.68
N ALA A 109 -7.11 -3.48 26.37
CA ALA A 109 -7.26 -4.83 25.89
C ALA A 109 -5.92 -5.35 25.41
N PHE A 110 -5.94 -6.38 24.56
CA PHE A 110 -4.74 -7.01 24.02
C PHE A 110 -5.20 -8.04 22.97
N ARG A 111 -4.29 -8.75 22.35
CA ARG A 111 -4.65 -9.44 21.07
C ARG A 111 -5.72 -10.55 21.12
N THR A 112 -5.99 -11.07 22.32
CA THR A 112 -6.81 -12.28 22.42
C THR A 112 -8.30 -12.05 22.78
N LEU A 113 -8.72 -10.79 22.98
CA LEU A 113 -9.97 -10.47 23.66
C LEU A 113 -11.06 -10.15 22.66
N TYR A 114 -10.72 -10.32 21.38
CA TYR A 114 -11.71 -10.19 20.33
C TYR A 114 -11.84 -11.46 19.48
N SER A 115 -11.70 -12.61 20.15
CA SER A 115 -11.88 -13.92 19.52
C SER A 115 -13.33 -14.18 18.96
N ALA A 116 -14.39 -13.66 19.60
CA ALA A 116 -15.74 -13.92 19.08
C ALA A 116 -15.85 -13.40 17.64
N ILE A 117 -15.31 -12.21 17.40
CA ILE A 117 -15.18 -11.64 16.02
C ILE A 117 -14.12 -12.30 15.15
N GLY A 118 -12.90 -12.53 15.68
CA GLY A 118 -11.84 -13.15 14.89
C GLY A 118 -12.26 -14.53 14.36
N ILE A 119 -12.71 -15.37 15.29
CA ILE A 119 -13.24 -16.72 14.98
C ILE A 119 -14.45 -16.69 14.00
N ASP A 120 -15.41 -15.80 14.19
CA ASP A 120 -16.50 -15.73 13.24
C ASP A 120 -16.06 -15.37 11.80
N LEU A 121 -15.19 -14.36 11.69
CA LEU A 121 -14.58 -14.09 10.37
C LEU A 121 -13.78 -15.25 9.76
N ALA A 122 -12.90 -15.84 10.54
CA ALA A 122 -12.15 -17.03 10.09
C ALA A 122 -13.08 -18.17 9.53
N SER A 123 -14.24 -18.30 10.18
CA SER A 123 -15.18 -19.35 9.87
C SER A 123 -15.85 -19.04 8.53
N HIS A 124 -15.77 -17.76 8.10
CA HIS A 124 -16.28 -17.35 6.79
C HIS A 124 -15.21 -17.24 5.77
N GLY A 125 -14.03 -17.77 6.08
CA GLY A 125 -12.98 -17.89 5.08
C GLY A 125 -11.93 -16.79 5.10
N PHE A 126 -11.79 -16.06 6.21
CA PHE A 126 -10.80 -14.94 6.32
C PHE A 126 -9.66 -15.41 7.18
N ILE A 127 -8.46 -14.86 6.91
CA ILE A 127 -7.39 -14.89 7.89
C ILE A 127 -7.48 -13.55 8.67
N VAL A 128 -7.46 -13.66 9.99
CA VAL A 128 -7.62 -12.50 10.85
C VAL A 128 -6.28 -12.44 11.61
N ALA A 129 -5.57 -11.33 11.47
CA ALA A 129 -4.44 -11.00 12.34
C ALA A 129 -4.84 -9.93 13.40
N ALA A 130 -5.14 -10.38 14.62
CA ALA A 130 -5.38 -9.48 15.78
C ALA A 130 -4.01 -9.03 16.36
N VAL A 131 -3.64 -7.79 16.09
CA VAL A 131 -2.32 -7.27 16.52
C VAL A 131 -2.26 -7.09 18.02
N GLU A 132 -1.09 -7.24 18.66
CA GLU A 132 -0.96 -6.75 20.03
C GLU A 132 -0.12 -5.44 20.01
N HIS A 133 -0.69 -4.36 20.49
CA HIS A 133 -0.07 -3.03 20.34
C HIS A 133 0.96 -2.83 21.45
N ARG A 134 2.06 -2.15 21.09
CA ARG A 134 3.14 -1.93 22.00
C ARG A 134 3.23 -0.42 22.29
N ASP A 135 2.12 0.28 22.17
CA ASP A 135 2.10 1.69 22.49
C ASP A 135 1.82 1.95 23.98
N ARG A 136 1.85 0.91 24.82
CA ARG A 136 1.27 0.91 26.21
C ARG A 136 -0.20 1.25 26.32
N SER A 137 -0.98 1.07 25.24
CA SER A 137 -2.48 1.06 25.37
C SER A 137 -3.01 -0.31 25.72
N ALA A 138 -2.18 -1.35 25.59
CA ALA A 138 -2.63 -2.69 25.96
C ALA A 138 -2.52 -2.79 27.49
N SER A 139 -3.46 -3.47 28.15
CA SER A 139 -3.26 -3.76 29.59
C SER A 139 -1.87 -4.33 29.89
N ALA A 140 -1.42 -5.26 29.06
CA ALA A 140 -0.08 -5.80 29.15
C ALA A 140 0.30 -6.30 27.77
N THR A 141 1.60 -6.35 27.51
CA THR A 141 2.12 -7.07 26.36
C THR A 141 3.52 -7.48 26.67
N TYR A 142 4.14 -8.23 25.78
CA TYR A 142 5.53 -8.59 25.97
C TYR A 142 6.35 -8.65 24.70
N TYR A 143 7.67 -8.62 24.92
CA TYR A 143 8.65 -8.82 23.89
C TYR A 143 9.90 -9.53 24.50
N PHE A 144 10.98 -9.65 23.74
CA PHE A 144 12.21 -10.29 24.23
C PHE A 144 13.39 -9.34 24.08
N LYS A 145 14.14 -9.11 25.14
CA LYS A 145 15.27 -8.16 25.07
C LYS A 145 16.38 -8.51 24.07
N ASP A 146 16.52 -9.80 23.76
CA ASP A 146 17.47 -10.28 22.75
C ASP A 146 17.07 -11.67 22.29
N GLN A 147 17.79 -12.15 21.28
CA GLN A 147 17.50 -13.41 20.65
C GLN A 147 17.56 -14.59 21.66
N SER A 148 18.48 -14.49 22.63
CA SER A 148 18.66 -15.57 23.59
C SER A 148 17.46 -15.71 24.53
N ALA A 149 17.01 -14.56 25.04
CA ALA A 149 15.79 -14.47 25.85
C ALA A 149 14.60 -15.06 25.09
N ALA A 150 14.48 -14.81 23.78
CA ALA A 150 13.38 -15.41 22.99
C ALA A 150 13.40 -16.95 23.02
N GLU A 151 14.61 -17.47 22.80
CA GLU A 151 14.92 -18.89 22.72
C GLU A 151 14.52 -19.72 23.95
N ILE A 152 14.61 -19.11 25.13
CA ILE A 152 14.25 -19.76 26.41
C ILE A 152 12.93 -19.23 26.98
N GLY A 153 12.27 -18.38 26.21
CA GLY A 153 10.96 -17.87 26.60
C GLY A 153 11.03 -16.92 27.76
N ASP A 154 12.10 -16.15 27.87
CA ASP A 154 12.30 -15.17 28.98
C ASP A 154 11.74 -13.76 28.63
N LYS A 155 10.49 -13.50 29.07
CA LYS A 155 9.70 -12.37 28.58
C LYS A 155 9.96 -11.05 29.33
N SER A 156 10.09 -9.96 28.58
CA SER A 156 9.98 -8.63 29.16
C SER A 156 8.64 -7.96 28.89
N TRP A 157 7.91 -7.72 29.99
CA TRP A 157 6.57 -7.21 30.01
C TRP A 157 6.49 -5.70 30.04
N LEU A 158 5.52 -5.21 29.26
CA LEU A 158 5.17 -3.79 29.15
C LEU A 158 3.69 -3.55 29.55
N TYR A 159 3.43 -2.64 30.50
CA TYR A 159 2.06 -2.57 31.03
C TYR A 159 1.43 -1.25 30.67
N LEU A 160 0.12 -1.18 30.80
CA LEU A 160 -0.63 0.03 30.47
C LEU A 160 -0.03 1.32 31.09
N ARG A 161 0.08 2.34 30.27
CA ARG A 161 0.45 3.61 30.71
C ARG A 161 -0.78 4.38 31.17
N THR A 162 -0.69 4.87 32.40
CA THR A 162 -1.66 5.81 32.96
C THR A 162 -1.18 7.27 32.78
N LEU A 163 -2.11 8.17 32.51
CA LEU A 163 -1.79 9.52 32.04
C LEU A 163 -1.98 10.66 33.05
N LYS A 164 -1.95 11.90 32.51
CA LYS A 164 -2.49 13.13 33.16
C LYS A 164 -3.58 13.75 32.28
N GLN A 165 -4.62 14.26 32.93
CA GLN A 165 -5.72 15.00 32.27
C GLN A 165 -5.23 15.99 31.17
N GLU A 166 -4.03 16.56 31.39
CA GLU A 166 -3.43 17.53 30.46
C GLU A 166 -2.62 16.87 29.31
N GLU A 167 -1.72 15.95 29.65
CA GLU A 167 -0.93 15.15 28.67
C GLU A 167 -1.76 14.60 27.42
N GLU A 168 -3.02 14.23 27.69
CA GLU A 168 -3.85 13.27 26.89
C GLU A 168 -3.93 13.49 25.38
N THR A 169 -4.12 14.74 24.95
CA THR A 169 -4.34 15.03 23.55
C THR A 169 -3.20 14.46 22.66
N HIS A 170 -1.98 14.88 23.04
CA HIS A 170 -0.78 14.57 22.31
C HIS A 170 -0.36 13.11 22.47
N ILE A 171 -0.45 12.59 23.70
CA ILE A 171 -0.12 11.19 23.98
C ILE A 171 -1.02 10.20 23.18
N ARG A 172 -2.32 10.45 23.22
CA ARG A 172 -3.32 9.59 22.54
C ARG A 172 -3.16 9.66 20.99
N ASN A 173 -2.85 10.85 20.46
CA ASN A 173 -2.44 10.98 19.08
C ASN A 173 -1.17 10.23 18.70
N GLU A 174 -0.15 10.32 19.54
CA GLU A 174 1.03 9.56 19.23
C GLU A 174 0.70 8.07 19.27
N GLN A 175 -0.11 7.65 20.23
CA GLN A 175 -0.41 6.28 20.32
C GLN A 175 -1.15 5.80 19.05
N VAL A 176 -2.12 6.56 18.56
CA VAL A 176 -2.89 6.18 17.37
C VAL A 176 -1.98 6.11 16.13
N ARG A 177 -0.97 6.96 16.10
CA ARG A 177 0.04 6.91 15.06
C ARG A 177 0.92 5.66 15.16
N GLN A 178 1.40 5.32 16.35
CA GLN A 178 2.12 4.06 16.51
C GLN A 178 1.23 2.82 16.13
N ARG A 179 -0.02 2.83 16.56
CA ARG A 179 -0.94 1.71 16.29
C ARG A 179 -1.15 1.51 14.77
N ALA A 180 -1.30 2.60 14.01
CA ALA A 180 -1.54 2.51 12.58
C ALA A 180 -0.31 1.90 11.95
N LYS A 181 0.84 2.28 12.47
CA LYS A 181 2.08 1.76 11.97
C LYS A 181 2.32 0.28 12.30
N GLU A 182 1.87 -0.15 13.49
CA GLU A 182 1.87 -1.56 13.81
C GLU A 182 0.94 -2.39 12.90
N CYS A 183 -0.17 -1.80 12.52
CA CYS A 183 -1.14 -2.46 11.67
C CYS A 183 -0.58 -2.68 10.24
N SER A 184 0.13 -1.65 9.75
CA SER A 184 0.77 -1.67 8.45
C SER A 184 1.95 -2.62 8.41
N GLN A 185 2.64 -2.65 9.53
CA GLN A 185 3.71 -3.52 9.74
C GLN A 185 3.29 -5.00 9.83
N ALA A 186 2.17 -5.28 10.52
CA ALA A 186 1.61 -6.65 10.54
C ALA A 186 1.23 -7.06 9.14
N LEU A 187 0.58 -6.16 8.41
CA LEU A 187 0.23 -6.44 7.03
C LEU A 187 1.47 -6.76 6.21
N SER A 188 2.52 -5.96 6.30
CA SER A 188 3.81 -6.27 5.61
C SER A 188 4.41 -7.64 5.93
N LEU A 189 4.40 -7.99 7.22
CA LEU A 189 4.87 -9.27 7.71
C LEU A 189 4.09 -10.39 7.04
N ILE A 190 2.75 -10.31 7.01
CA ILE A 190 1.92 -11.37 6.38
C ILE A 190 2.16 -11.45 4.86
N LEU A 191 2.13 -10.29 4.18
CA LEU A 191 2.43 -10.22 2.77
C LEU A 191 3.86 -10.70 2.48
N ASP A 192 4.83 -10.42 3.32
CA ASP A 192 6.15 -10.94 3.07
C ASP A 192 6.16 -12.48 3.13
N ILE A 193 5.56 -13.06 4.18
CA ILE A 193 5.42 -14.54 4.34
C ILE A 193 4.67 -15.21 3.19
N ASP A 194 3.63 -14.53 2.69
CA ASP A 194 2.84 -14.96 1.57
C ASP A 194 3.69 -15.11 0.32
N HIS A 195 4.76 -14.31 0.25
CA HIS A 195 5.65 -14.33 -0.89
C HIS A 195 6.93 -15.06 -0.60
N GLY A 196 6.91 -15.97 0.38
CA GLY A 196 8.03 -16.84 0.64
C GLY A 196 9.14 -16.30 1.55
N LYS A 197 9.00 -15.09 2.11
CA LYS A 197 10.02 -14.63 3.08
C LYS A 197 10.13 -15.61 4.25
N PRO A 198 11.39 -16.06 4.54
CA PRO A 198 11.59 -16.99 5.62
C PRO A 198 11.46 -16.23 6.93
N VAL A 199 10.74 -16.82 7.86
CA VAL A 199 10.38 -16.12 9.08
C VAL A 199 10.47 -17.17 10.15
N LYS A 200 11.17 -16.82 11.21
CA LYS A 200 11.30 -17.70 12.35
C LYS A 200 10.50 -17.04 13.47
N ASN A 201 9.28 -17.53 13.69
CA ASN A 201 8.51 -17.13 14.84
C ASN A 201 9.38 -17.04 16.10
N ALA A 202 9.34 -15.93 16.83
CA ALA A 202 10.10 -15.83 18.10
C ALA A 202 9.47 -16.69 19.16
N LEU A 203 8.20 -17.09 18.95
CA LEU A 203 7.56 -18.04 19.88
C LEU A 203 7.80 -19.47 19.38
N ASP A 204 7.76 -20.48 20.23
CA ASP A 204 8.07 -21.81 19.67
C ASP A 204 6.83 -22.72 19.62
N LEU A 205 6.19 -22.71 18.46
CA LEU A 205 4.85 -23.16 18.35
C LEU A 205 4.82 -24.15 17.21
N LYS A 206 3.93 -25.13 17.27
CA LYS A 206 3.87 -26.12 16.20
C LYS A 206 3.43 -25.62 14.81
N PHE A 207 2.64 -24.56 14.75
CA PHE A 207 2.26 -24.03 13.45
C PHE A 207 3.51 -23.48 12.73
N ASP A 208 3.71 -24.01 11.52
CA ASP A 208 4.82 -23.60 10.66
C ASP A 208 4.32 -22.45 9.77
N MET A 209 4.95 -21.28 9.92
CA MET A 209 4.50 -20.10 9.15
C MET A 209 4.67 -20.26 7.65
N GLU A 210 5.48 -21.21 7.22
CA GLU A 210 5.63 -21.42 5.78
C GLU A 210 4.32 -21.91 5.11
N GLN A 211 3.34 -22.38 5.91
CA GLN A 211 1.98 -22.68 5.40
C GLN A 211 1.30 -21.50 4.76
N LEU A 212 1.63 -20.30 5.22
CA LEU A 212 1.00 -19.10 4.70
C LEU A 212 1.50 -18.67 3.32
N LYS A 213 2.55 -19.31 2.80
CA LYS A 213 3.06 -19.00 1.43
C LYS A 213 1.95 -19.16 0.40
N ASP A 214 1.75 -18.11 -0.35
CA ASP A 214 0.81 -18.08 -1.44
C ASP A 214 -0.61 -18.35 -0.93
N SER A 215 -0.91 -17.95 0.30
CA SER A 215 -2.24 -18.24 0.81
C SER A 215 -3.09 -17.01 1.08
N ILE A 216 -2.60 -15.83 0.70
CA ILE A 216 -3.32 -14.54 0.92
C ILE A 216 -3.85 -14.01 -0.41
N ASP A 217 -5.11 -13.58 -0.43
CA ASP A 217 -5.57 -12.85 -1.53
C ASP A 217 -5.14 -11.38 -1.32
N ARG A 218 -3.99 -11.04 -1.92
CA ARG A 218 -3.27 -9.77 -1.64
C ARG A 218 -4.02 -8.50 -1.94
N GLU A 219 -5.05 -8.64 -2.72
CA GLU A 219 -5.89 -7.54 -3.03
C GLU A 219 -7.13 -7.37 -2.15
N LYS A 220 -7.41 -8.33 -1.28
CA LYS A 220 -8.65 -8.27 -0.52
C LYS A 220 -8.21 -8.16 0.93
N ILE A 221 -7.89 -6.94 1.33
CA ILE A 221 -7.37 -6.65 2.68
C ILE A 221 -8.27 -5.62 3.35
N ALA A 222 -8.53 -5.80 4.65
CA ALA A 222 -9.39 -4.87 5.43
C ALA A 222 -8.81 -4.69 6.83
N VAL A 223 -9.03 -3.49 7.38
CA VAL A 223 -8.71 -3.19 8.80
C VAL A 223 -9.99 -3.04 9.60
N ILE A 224 -10.04 -3.64 10.81
CA ILE A 224 -11.25 -3.55 11.61
C ILE A 224 -10.72 -3.31 13.04
N GLY A 225 -11.49 -2.63 13.89
CA GLY A 225 -11.04 -2.42 15.25
C GLY A 225 -12.09 -1.81 16.13
N HIS A 226 -11.85 -1.90 17.42
CA HIS A 226 -12.80 -1.49 18.44
C HIS A 226 -12.26 -0.37 19.33
N SER A 227 -13.01 0.65 19.48
CA SER A 227 -12.86 1.79 20.40
C SER A 227 -11.59 2.57 20.07
N PHE A 228 -10.53 2.47 20.82
CA PHE A 228 -9.22 2.95 20.36
C PHE A 228 -8.84 2.29 19.00
N GLY A 229 -9.17 1.01 18.81
CA GLY A 229 -8.91 0.30 17.56
C GLY A 229 -9.75 0.83 16.43
N GLY A 230 -10.92 1.38 16.74
CA GLY A 230 -11.76 2.05 15.75
C GLY A 230 -11.08 3.33 15.20
N ALA A 231 -10.49 4.15 16.09
CA ALA A 231 -9.66 5.29 15.62
C ALA A 231 -8.47 4.77 14.85
N THR A 232 -7.91 3.65 15.29
CA THR A 232 -6.79 3.06 14.58
C THR A 232 -7.16 2.67 13.14
N VAL A 233 -8.34 2.08 12.94
CA VAL A 233 -8.90 1.87 11.59
C VAL A 233 -8.79 3.12 10.73
N ILE A 234 -9.23 4.27 11.24
CA ILE A 234 -9.24 5.49 10.46
C ILE A 234 -7.82 5.95 10.15
N GLN A 235 -6.93 5.87 11.13
CA GLN A 235 -5.57 6.37 10.91
C GLN A 235 -4.87 5.43 9.91
N THR A 236 -5.08 4.14 10.05
CA THR A 236 -4.36 3.14 9.26
C THR A 236 -4.83 3.31 7.79
N LEU A 237 -6.14 3.44 7.57
CA LEU A 237 -6.66 3.69 6.24
C LEU A 237 -6.12 5.00 5.60
N SER A 238 -6.02 6.09 6.38
CA SER A 238 -5.50 7.29 5.77
C SER A 238 -4.08 7.00 5.35
N GLU A 239 -3.31 6.26 6.12
CA GLU A 239 -1.91 6.11 5.73
C GLU A 239 -1.73 5.03 4.63
N ASP A 240 -2.46 3.93 4.75
CA ASP A 240 -2.06 2.70 4.02
C ASP A 240 -3.13 2.25 3.09
N GLN A 241 -2.88 2.49 1.80
CA GLN A 241 -3.89 2.22 0.76
C GLN A 241 -3.86 0.78 0.27
N ARG A 242 -2.98 -0.04 0.85
CA ARG A 242 -3.12 -1.52 0.72
C ARG A 242 -4.41 -2.08 1.40
N PHE A 243 -4.85 -1.45 2.50
CA PHE A 243 -6.19 -1.71 3.05
C PHE A 243 -7.25 -1.06 2.20
N ARG A 244 -8.25 -1.84 1.82
CA ARG A 244 -9.26 -1.44 0.84
C ARG A 244 -10.59 -0.89 1.40
N CYS A 245 -10.88 -1.23 2.67
CA CYS A 245 -12.05 -0.75 3.44
C CYS A 245 -11.78 -0.92 4.94
N GLY A 246 -12.51 -0.22 5.76
CA GLY A 246 -12.36 -0.35 7.19
C GLY A 246 -13.70 -0.38 7.86
N ILE A 247 -13.70 -1.04 8.99
CA ILE A 247 -14.88 -1.13 9.83
C ILE A 247 -14.49 -0.69 11.26
N ALA A 248 -15.08 0.42 11.71
CA ALA A 248 -14.80 0.98 13.04
C ALA A 248 -15.92 0.52 13.95
N LEU A 249 -15.59 -0.29 14.96
CA LEU A 249 -16.63 -0.77 15.89
C LEU A 249 -16.55 0.12 17.11
N ASP A 250 -17.62 0.87 17.36
CA ASP A 250 -17.70 1.79 18.51
C ASP A 250 -16.44 2.61 18.66
N ALA A 251 -16.03 3.26 17.59
CA ALA A 251 -14.79 4.06 17.63
C ALA A 251 -14.81 5.19 18.70
N TRP A 252 -13.64 5.41 19.25
CA TRP A 252 -13.36 6.48 20.14
C TRP A 252 -12.50 7.41 19.30
N MET A 253 -13.06 8.55 18.89
CA MET A 253 -12.47 9.39 17.84
C MET A 253 -11.44 10.40 18.42
N PHE A 254 -11.50 10.56 19.76
CA PHE A 254 -10.64 11.52 20.44
C PHE A 254 -9.10 11.53 19.97
N PRO A 255 -8.47 10.33 19.81
CA PRO A 255 -7.07 10.34 19.46
C PRO A 255 -6.67 10.93 18.13
N LEU A 256 -7.62 11.08 17.20
CA LEU A 256 -7.32 11.43 15.83
C LEU A 256 -7.06 12.93 15.66
N GLY A 257 -6.12 13.29 14.75
CA GLY A 257 -5.74 14.67 14.50
C GLY A 257 -6.80 15.27 13.59
N ASP A 258 -6.89 16.61 13.61
CA ASP A 258 -7.82 17.40 12.79
C ASP A 258 -7.68 17.13 11.29
N GLU A 259 -6.48 16.82 10.86
CA GLU A 259 -6.18 16.69 9.45
C GLU A 259 -6.62 15.38 8.79
N VAL A 260 -6.94 14.33 9.55
CA VAL A 260 -7.14 12.99 9.00
C VAL A 260 -8.52 12.84 8.35
N TYR A 261 -9.49 13.68 8.72
CA TYR A 261 -10.88 13.50 8.33
C TYR A 261 -11.12 13.68 6.86
N SER A 262 -10.22 14.39 6.19
CA SER A 262 -10.32 14.61 4.75
C SER A 262 -9.40 13.65 4.00
N ARG A 263 -8.79 12.73 4.72
CA ARG A 263 -7.72 11.95 4.18
C ARG A 263 -8.01 10.45 4.18
N ILE A 264 -9.27 10.09 3.99
CA ILE A 264 -9.66 8.66 4.02
C ILE A 264 -10.39 8.27 2.74
N PRO A 265 -9.64 7.87 1.70
CA PRO A 265 -10.30 7.51 0.43
C PRO A 265 -11.17 6.25 0.43
N GLN A 266 -10.77 5.24 1.22
CA GLN A 266 -11.42 3.93 1.22
C GLN A 266 -12.76 3.96 1.88
N PRO A 267 -13.64 2.98 1.49
CA PRO A 267 -14.97 2.87 2.14
C PRO A 267 -14.80 2.55 3.63
N LEU A 268 -15.73 3.08 4.42
CA LEU A 268 -15.62 3.12 5.89
C LEU A 268 -16.99 2.85 6.54
N PHE A 269 -17.05 1.86 7.43
CA PHE A 269 -18.29 1.48 8.10
C PHE A 269 -18.13 1.67 9.63
N PHE A 270 -19.04 2.42 10.24
CA PHE A 270 -19.08 2.66 11.69
C PHE A 270 -20.23 1.83 12.24
N ILE A 271 -19.91 0.84 13.07
CA ILE A 271 -20.86 0.12 13.78
C ILE A 271 -20.72 0.54 15.26
N ASN A 272 -21.78 1.20 15.77
CA ASN A 272 -21.83 1.79 17.14
C ASN A 272 -22.66 1.04 18.12
N SER A 273 -22.28 1.10 19.40
CA SER A 273 -23.20 0.70 20.46
C SER A 273 -24.13 1.86 20.67
N GLU A 274 -25.27 1.60 21.30
CA GLU A 274 -26.13 2.70 21.73
C GLU A 274 -25.53 3.52 22.86
N TYR A 275 -25.07 2.86 23.91
CA TYR A 275 -24.70 3.52 25.18
C TYR A 275 -23.33 4.14 25.30
N PHE A 276 -22.37 3.73 24.49
CA PHE A 276 -21.05 4.38 24.48
C PHE A 276 -21.06 5.78 23.87
N GLN A 277 -21.95 6.03 22.92
CA GLN A 277 -21.80 7.17 22.01
C GLN A 277 -22.30 8.51 22.58
N TYR A 278 -21.67 9.57 22.11
CA TYR A 278 -21.95 10.94 22.57
C TYR A 278 -21.67 11.93 21.41
N PRO A 279 -22.34 13.11 21.40
CA PRO A 279 -22.29 14.05 20.30
C PRO A 279 -20.92 14.44 19.78
N ALA A 280 -19.95 14.74 20.66
CA ALA A 280 -18.62 15.15 20.22
C ALA A 280 -17.95 14.00 19.41
N ASN A 281 -18.20 12.75 19.81
CA ASN A 281 -17.65 11.61 19.11
C ASN A 281 -18.35 11.42 17.71
N ILE A 282 -19.67 11.48 17.72
CA ILE A 282 -20.49 11.34 16.48
C ILE A 282 -20.17 12.43 15.50
N ILE A 283 -19.92 13.64 15.99
CA ILE A 283 -19.67 14.72 15.02
C ILE A 283 -18.32 14.47 14.35
N LYS A 284 -17.36 13.89 15.07
CA LYS A 284 -16.09 13.58 14.40
C LYS A 284 -16.27 12.47 13.33
N MET A 285 -17.12 11.46 13.61
CA MET A 285 -17.52 10.47 12.60
C MET A 285 -18.13 11.11 11.31
N LYS A 286 -19.08 12.04 11.50
CA LYS A 286 -19.74 12.77 10.42
C LYS A 286 -18.75 13.61 9.61
N LYS A 287 -17.72 14.10 10.29
CA LYS A 287 -16.65 14.83 9.66
C LYS A 287 -15.94 13.99 8.58
N CYS A 288 -15.95 12.65 8.73
CA CYS A 288 -15.40 11.72 7.71
C CYS A 288 -16.28 11.56 6.46
N TYR A 289 -17.55 11.95 6.53
CA TYR A 289 -18.46 11.81 5.41
C TYR A 289 -18.17 12.84 4.34
N SER A 290 -18.31 12.44 3.08
CA SER A 290 -18.13 13.34 1.94
C SER A 290 -18.99 12.79 0.81
N PRO A 291 -19.56 13.69 -0.03
CA PRO A 291 -20.45 13.31 -1.14
C PRO A 291 -19.83 12.25 -2.02
N ASP A 292 -18.53 12.34 -2.24
CA ASP A 292 -17.78 11.38 -3.08
C ASP A 292 -17.22 10.04 -2.46
N LYS A 293 -17.39 9.82 -1.13
CA LYS A 293 -16.81 8.67 -0.35
C LYS A 293 -18.02 7.86 0.18
N GLU A 294 -18.06 6.43 0.19
CA GLU A 294 -18.93 5.43 0.90
C GLU A 294 -18.69 5.44 2.41
N ARG A 295 -19.69 5.85 3.13
CA ARG A 295 -19.61 5.81 4.56
C ARG A 295 -20.93 5.28 4.94
N LYS A 296 -20.93 4.34 5.84
CA LYS A 296 -22.17 3.87 6.45
C LYS A 296 -22.06 3.90 7.96
N MET A 297 -23.21 3.96 8.61
CA MET A 297 -23.25 3.94 10.02
C MET A 297 -24.50 3.25 10.47
N ILE A 298 -24.35 2.39 11.47
CA ILE A 298 -25.47 1.77 12.21
C ILE A 298 -25.12 1.72 13.70
N THR A 299 -26.19 1.65 14.49
CA THR A 299 -26.14 1.54 15.91
C THR A 299 -26.95 0.32 16.32
N ILE A 300 -26.38 -0.51 17.20
CA ILE A 300 -27.03 -1.72 17.73
C ILE A 300 -27.87 -1.35 18.98
N ARG A 301 -29.16 -1.55 18.88
CA ARG A 301 -30.10 -1.18 19.94
C ARG A 301 -29.85 -1.80 21.29
N GLY A 302 -29.84 -0.97 22.34
CA GLY A 302 -29.59 -1.38 23.69
C GLY A 302 -28.23 -2.01 24.00
N SER A 303 -27.24 -1.91 23.09
CA SER A 303 -25.92 -2.47 23.29
C SER A 303 -25.05 -1.50 24.06
N VAL A 304 -24.01 -2.04 24.68
CA VAL A 304 -23.04 -1.24 25.43
C VAL A 304 -21.68 -1.42 24.74
N HIS A 305 -20.67 -0.68 25.22
CA HIS A 305 -19.36 -0.68 24.64
C HIS A 305 -18.73 -2.11 24.57
N GLN A 306 -18.94 -2.87 25.63
CA GLN A 306 -18.30 -4.18 25.78
C GLN A 306 -18.92 -5.27 24.90
N ASN A 307 -20.02 -4.93 24.24
CA ASN A 307 -20.74 -5.94 23.43
C ASN A 307 -19.86 -6.43 22.23
N PHE A 308 -18.81 -5.67 21.91
CA PHE A 308 -17.90 -6.04 20.80
C PHE A 308 -16.69 -6.93 21.22
N ALA A 309 -16.46 -6.97 22.53
CA ALA A 309 -15.34 -7.69 23.10
C ALA A 309 -15.82 -8.92 23.83
N ASP A 310 -14.88 -9.82 24.15
CA ASP A 310 -15.17 -11.20 24.59
C ASP A 310 -15.63 -11.27 26.01
N PHE A 311 -15.33 -10.22 26.78
CA PHE A 311 -15.86 -10.12 28.15
C PHE A 311 -17.40 -10.06 28.25
N THR A 312 -18.09 -9.69 27.18
CA THR A 312 -19.54 -9.80 27.16
C THR A 312 -20.00 -11.28 27.26
N PHE A 313 -19.10 -12.23 27.05
CA PHE A 313 -19.49 -13.64 27.04
C PHE A 313 -18.98 -14.33 28.28
N ALA A 314 -18.28 -13.61 29.14
CA ALA A 314 -17.52 -14.24 30.20
C ALA A 314 -18.27 -14.47 31.55
N THR A 315 -19.38 -13.76 31.77
CA THR A 315 -20.15 -13.88 33.03
C THR A 315 -21.60 -14.24 32.70
N GLY A 316 -22.46 -14.35 33.73
CA GLY A 316 -23.88 -14.56 33.57
C GLY A 316 -24.56 -13.25 33.26
N LYS A 317 -25.85 -13.30 32.99
CA LYS A 317 -26.67 -12.15 32.62
C LYS A 317 -26.81 -11.08 33.73
N ILE A 318 -26.81 -11.52 35.00
CA ILE A 318 -27.06 -10.59 36.10
C ILE A 318 -25.79 -9.80 36.37
N ILE A 319 -24.70 -10.53 36.60
CA ILE A 319 -23.39 -9.97 36.87
C ILE A 319 -22.90 -9.13 35.68
N GLY A 320 -23.20 -9.60 34.46
CA GLY A 320 -22.97 -8.92 33.17
C GLY A 320 -23.57 -7.53 33.10
N HIS A 321 -24.89 -7.45 33.37
CA HIS A 321 -25.63 -6.19 33.34
C HIS A 321 -25.06 -5.20 34.38
N MET A 322 -24.78 -5.65 35.60
CA MET A 322 -24.27 -4.77 36.68
C MET A 322 -22.85 -4.23 36.40
N LEU A 323 -22.04 -5.06 35.75
CA LEU A 323 -20.68 -4.73 35.38
C LEU A 323 -20.58 -3.95 34.08
N LYS A 324 -21.72 -3.79 33.39
CA LYS A 324 -21.82 -3.13 32.08
C LYS A 324 -21.01 -3.85 31.00
N LEU A 325 -20.86 -5.16 31.19
CA LEU A 325 -20.32 -6.06 30.19
C LEU A 325 -21.43 -6.50 29.18
N LYS A 326 -22.69 -6.39 29.60
CA LYS A 326 -23.86 -6.78 28.77
C LYS A 326 -24.85 -5.64 28.72
N GLY A 327 -25.66 -5.61 27.65
CA GLY A 327 -26.60 -4.51 27.42
C GLY A 327 -27.97 -5.11 27.56
N ASP A 328 -28.99 -4.42 27.08
CA ASP A 328 -30.36 -4.92 27.15
C ASP A 328 -30.55 -6.03 26.08
N ILE A 329 -29.95 -5.83 24.92
CA ILE A 329 -29.77 -6.88 23.91
C ILE A 329 -28.98 -8.13 24.39
N ASP A 330 -29.40 -9.31 23.94
CA ASP A 330 -28.64 -10.57 24.09
C ASP A 330 -27.25 -10.43 23.42
N SER A 331 -26.20 -10.82 24.13
CA SER A 331 -24.82 -10.67 23.62
C SER A 331 -24.59 -11.42 22.30
N ASN A 332 -25.09 -12.65 22.20
CA ASN A 332 -25.00 -13.40 20.94
C ASN A 332 -25.72 -12.75 19.78
N VAL A 333 -26.88 -12.17 20.05
CA VAL A 333 -27.61 -11.47 19.01
C VAL A 333 -26.84 -10.24 18.52
N ALA A 334 -26.15 -9.53 19.43
CA ALA A 334 -25.49 -8.27 19.09
C ALA A 334 -24.24 -8.58 18.25
N ILE A 335 -23.46 -9.57 18.67
CA ILE A 335 -22.20 -9.92 17.96
C ILE A 335 -22.60 -10.48 16.56
N ASP A 336 -23.68 -11.25 16.50
CA ASP A 336 -24.17 -11.75 15.21
C ASP A 336 -24.57 -10.65 14.24
N LEU A 337 -25.26 -9.60 14.73
CA LEU A 337 -25.59 -8.49 13.86
C LEU A 337 -24.38 -7.70 13.39
N SER A 338 -23.49 -7.38 14.32
CA SER A 338 -22.24 -6.72 13.94
C SER A 338 -21.41 -7.57 12.92
N ASN A 339 -21.22 -8.87 13.19
CA ASN A 339 -20.47 -9.74 12.27
C ASN A 339 -21.12 -9.85 10.87
N LYS A 340 -22.44 -10.07 10.83
CA LYS A 340 -23.14 -10.14 9.54
C LYS A 340 -23.21 -8.82 8.76
N ALA A 341 -23.52 -7.70 9.44
CA ALA A 341 -23.28 -6.40 8.76
C ALA A 341 -21.88 -6.25 8.25
N SER A 342 -20.86 -6.64 9.05
CA SER A 342 -19.45 -6.52 8.63
C SER A 342 -19.12 -7.35 7.35
N LEU A 343 -19.57 -8.59 7.33
CA LEU A 343 -19.43 -9.47 6.19
C LEU A 343 -20.04 -8.95 4.93
N ALA A 344 -21.27 -8.44 5.03
CA ALA A 344 -21.92 -7.77 3.91
C ALA A 344 -21.08 -6.63 3.39
N PHE A 345 -20.60 -5.81 4.30
CA PHE A 345 -19.75 -4.66 3.92
C PHE A 345 -18.47 -5.10 3.23
N LEU A 346 -17.76 -6.03 3.85
CA LEU A 346 -16.54 -6.61 3.26
C LEU A 346 -16.80 -7.21 1.87
N GLN A 347 -17.95 -7.89 1.67
CA GLN A 347 -18.26 -8.46 0.32
C GLN A 347 -18.36 -7.35 -0.75
N LYS A 348 -19.11 -6.29 -0.46
CA LYS A 348 -19.26 -5.16 -1.36
C LYS A 348 -17.94 -4.49 -1.70
N HIS A 349 -17.09 -4.28 -0.67
CA HIS A 349 -15.88 -3.49 -0.91
C HIS A 349 -14.62 -4.23 -1.20
N LEU A 350 -14.58 -5.51 -0.87
CA LEU A 350 -13.45 -6.40 -1.23
C LEU A 350 -13.74 -7.20 -2.51
N GLY A 351 -14.99 -7.11 -2.99
CA GLY A 351 -15.44 -7.82 -4.20
C GLY A 351 -15.42 -9.34 -3.97
N LEU A 352 -15.99 -9.81 -2.86
CA LEU A 352 -15.85 -11.23 -2.53
C LEU A 352 -17.00 -11.98 -3.22
N HIS A 353 -16.73 -13.23 -3.56
CA HIS A 353 -17.76 -14.05 -4.26
C HIS A 353 -18.26 -15.05 -3.28
N LYS A 354 -19.20 -14.57 -2.44
CA LYS A 354 -19.79 -15.31 -1.32
C LYS A 354 -21.23 -14.84 -1.27
N ASP A 355 -21.96 -15.22 -0.25
CA ASP A 355 -23.35 -14.78 -0.17
C ASP A 355 -23.63 -13.86 1.01
N PHE A 356 -22.61 -13.05 1.38
CA PHE A 356 -22.75 -12.12 2.52
C PHE A 356 -23.70 -10.99 2.17
N ASP A 357 -23.99 -10.84 0.87
CA ASP A 357 -24.94 -9.84 0.39
C ASP A 357 -26.38 -10.09 0.82
N GLN A 358 -26.67 -11.28 1.34
CA GLN A 358 -27.97 -11.56 1.97
C GLN A 358 -28.23 -10.74 3.22
N TRP A 359 -27.20 -9.99 3.68
CA TRP A 359 -27.25 -9.16 4.91
C TRP A 359 -27.04 -7.69 4.57
N ASP A 360 -27.11 -7.35 3.30
CA ASP A 360 -26.99 -5.96 2.83
C ASP A 360 -27.97 -5.01 3.55
N CYS A 361 -29.13 -5.49 3.95
CA CYS A 361 -30.09 -4.64 4.64
C CYS A 361 -29.57 -4.29 6.04
N LEU A 362 -28.71 -5.12 6.62
CA LEU A 362 -28.05 -4.71 7.89
C LEU A 362 -27.20 -3.47 7.80
N ILE A 363 -26.55 -3.22 6.65
CA ILE A 363 -25.66 -2.04 6.49
C ILE A 363 -26.51 -0.75 6.56
N GLU A 364 -27.78 -0.94 6.17
CA GLU A 364 -28.78 0.10 6.19
C GLU A 364 -29.51 0.22 7.53
N GLY A 365 -29.17 -0.61 8.50
CA GLY A 365 -29.85 -0.59 9.79
C GLY A 365 -31.30 -1.08 9.77
N ASP A 366 -31.66 -1.84 8.74
CA ASP A 366 -33.04 -2.34 8.56
C ASP A 366 -33.26 -3.71 9.22
N ASP A 367 -33.31 -3.68 10.53
CA ASP A 367 -33.53 -4.83 11.39
C ASP A 367 -34.18 -4.22 12.60
N GLU A 368 -34.88 -5.04 13.41
CA GLU A 368 -35.49 -4.58 14.67
C GLU A 368 -34.48 -4.20 15.74
N ASN A 369 -33.32 -4.86 15.74
CA ASN A 369 -32.28 -4.51 16.72
C ASN A 369 -31.29 -3.44 16.19
N LEU A 370 -31.61 -2.81 15.07
CA LEU A 370 -30.71 -1.80 14.53
C LEU A 370 -31.38 -0.45 14.30
N ILE A 371 -30.59 0.62 14.47
CA ILE A 371 -30.90 1.99 14.08
C ILE A 371 -30.01 2.28 12.83
N PRO A 372 -30.57 2.84 11.72
CA PRO A 372 -29.65 3.33 10.68
C PRO A 372 -28.98 4.61 11.21
N GLY A 373 -27.66 4.74 11.04
CA GLY A 373 -26.99 5.93 11.51
C GLY A 373 -26.87 5.91 13.03
N THR A 374 -27.28 7.02 13.66
CA THR A 374 -27.21 7.16 15.12
C THR A 374 -28.54 7.74 15.63
N ASN A 375 -28.91 7.41 16.88
CA ASN A 375 -30.03 8.12 17.53
C ASN A 375 -29.66 9.49 18.13
N ILE A 376 -28.35 9.75 18.24
CA ILE A 376 -27.84 11.05 18.57
C ILE A 376 -28.02 12.00 17.37
N ASN A 377 -28.30 13.28 17.63
CA ASN A 377 -28.57 14.29 16.61
C ASN A 377 -27.55 15.40 16.58
N THR A 378 -27.24 15.86 15.36
CA THR A 378 -26.34 17.01 15.18
C THR A 378 -26.74 17.87 13.99
N THR A 379 -26.18 19.08 13.94
CA THR A 379 -26.34 20.00 12.81
C THR A 379 -25.42 19.58 11.66
N ASN A 380 -25.50 20.29 10.52
CA ASN A 380 -24.70 19.95 9.34
C ASN A 380 -23.84 21.14 8.84
N THR B 8 13.79 22.73 -28.81
CA THR B 8 13.14 21.37 -28.63
C THR B 8 12.15 20.85 -29.69
N LYS B 9 12.32 19.58 -30.08
CA LYS B 9 11.27 18.88 -30.82
C LYS B 9 10.44 17.87 -29.94
N ILE B 10 10.71 17.78 -28.64
CA ILE B 10 9.86 16.93 -27.77
C ILE B 10 8.39 17.49 -27.86
N PRO B 11 7.38 16.64 -28.11
CA PRO B 11 6.04 17.25 -28.18
C PRO B 11 5.42 17.74 -26.81
N ARG B 12 4.65 18.83 -26.89
CA ARG B 12 3.86 19.36 -25.78
C ARG B 12 2.79 18.31 -25.46
N GLY B 13 2.27 18.37 -24.23
CA GLY B 13 1.14 17.53 -23.84
C GLY B 13 -0.11 17.74 -24.70
N ASN B 14 -0.78 16.65 -25.03
CA ASN B 14 -1.95 16.75 -25.86
C ASN B 14 -3.23 16.96 -25.01
N GLY B 15 -3.05 17.09 -23.71
CA GLY B 15 -4.20 17.13 -22.82
C GLY B 15 -4.51 18.57 -22.43
N PRO B 16 -5.60 18.81 -21.68
CA PRO B 16 -5.93 20.19 -21.33
C PRO B 16 -5.02 20.90 -20.33
N TYR B 17 -4.27 20.16 -19.51
CA TYR B 17 -3.62 20.79 -18.39
C TYR B 17 -2.29 21.27 -18.87
N SER B 18 -1.86 22.40 -18.32
CA SER B 18 -0.52 22.94 -18.47
C SER B 18 0.41 22.19 -17.56
N VAL B 19 1.67 22.04 -17.96
CA VAL B 19 2.61 21.17 -17.22
C VAL B 19 3.81 21.90 -16.60
N GLY B 20 4.09 21.61 -15.34
CA GLY B 20 5.29 22.06 -14.67
C GLY B 20 6.23 20.90 -14.47
N CYS B 21 7.47 21.20 -14.08
CA CYS B 21 8.49 20.18 -13.82
C CYS B 21 9.40 20.71 -12.72
N THR B 22 9.79 19.84 -11.78
CA THR B 22 10.81 20.18 -10.84
C THR B 22 11.57 18.89 -10.54
N ASP B 23 12.58 18.95 -9.66
CA ASP B 23 13.37 17.80 -9.29
C ASP B 23 13.27 17.67 -7.78
N LEU B 24 13.32 16.45 -7.27
CA LEU B 24 13.33 16.23 -5.82
C LEU B 24 14.36 15.16 -5.44
N MET B 25 15.22 15.52 -4.48
CA MET B 25 16.16 14.59 -3.90
C MET B 25 15.97 14.61 -2.40
N PHE B 26 15.55 13.46 -1.86
CA PHE B 26 15.44 13.30 -0.41
C PHE B 26 15.52 11.80 -0.01
N ASP B 27 16.46 11.41 0.86
CA ASP B 27 17.49 12.29 1.35
C ASP B 27 18.63 12.50 0.34
N HIS B 28 19.72 13.12 0.77
CA HIS B 28 20.85 13.48 -0.09
C HIS B 28 21.77 12.31 -0.37
N THR B 29 21.48 11.12 0.18
CA THR B 29 22.45 10.00 0.00
C THR B 29 22.28 9.20 -1.29
N ASN B 30 23.24 8.31 -1.56
CA ASN B 30 23.15 7.32 -2.59
C ASN B 30 22.02 6.28 -2.33
N LYS B 31 21.33 6.43 -1.20
CA LYS B 31 20.27 5.50 -0.82
C LYS B 31 18.98 6.23 -0.61
N GLY B 32 19.00 7.54 -0.82
CA GLY B 32 17.77 8.32 -0.80
C GLY B 32 17.07 8.30 -2.16
N THR B 33 15.98 9.03 -2.27
CA THR B 33 15.24 9.16 -3.52
C THR B 33 15.64 10.37 -4.38
N PHE B 34 15.90 10.13 -5.67
CA PHE B 34 16.06 11.22 -6.67
C PHE B 34 14.98 11.05 -7.77
N LEU B 35 14.12 12.06 -7.93
CA LEU B 35 13.12 11.99 -9.01
C LEU B 35 12.86 13.36 -9.65
N ARG B 36 12.43 13.29 -10.91
CA ARG B 36 11.88 14.44 -11.66
C ARG B 36 10.36 14.30 -11.69
N LEU B 37 9.68 15.36 -11.24
CA LEU B 37 8.25 15.40 -11.23
C LEU B 37 7.72 16.19 -12.38
N TYR B 38 6.68 15.65 -13.00
CA TYR B 38 5.84 16.37 -13.96
C TYR B 38 4.49 16.40 -13.38
N TYR B 39 3.83 17.54 -13.56
CA TYR B 39 2.55 17.76 -12.87
C TYR B 39 1.74 18.88 -13.56
N PRO B 40 0.41 18.91 -13.31
CA PRO B 40 -0.53 19.93 -13.79
C PRO B 40 -0.17 21.27 -13.11
N SER B 41 0.18 22.26 -13.89
CA SER B 41 0.64 23.50 -13.30
C SER B 41 -0.44 24.58 -13.47
N GLN B 42 -0.30 25.68 -12.74
CA GLN B 42 -1.35 26.66 -12.90
C GLN B 42 -0.95 27.67 -13.97
N ASP B 43 0.29 28.16 -13.88
CA ASP B 43 0.88 29.06 -14.92
C ASP B 43 0.98 28.31 -16.26
N ASN B 44 1.21 29.04 -17.36
CA ASN B 44 1.54 28.39 -18.65
C ASN B 44 2.48 29.23 -19.55
N ASP B 45 3.10 30.25 -18.96
CA ASP B 45 4.05 31.15 -19.64
C ASP B 45 5.26 30.44 -20.35
N ARG B 46 6.24 29.95 -19.56
CA ARG B 46 7.51 29.46 -20.09
C ARG B 46 7.50 27.92 -20.35
N LEU B 47 8.22 27.46 -21.36
CA LEU B 47 8.46 26.02 -21.49
C LEU B 47 9.97 25.85 -21.47
N ASP B 48 10.51 25.97 -20.27
CA ASP B 48 11.89 26.36 -20.08
C ASP B 48 12.72 25.36 -19.22
N THR B 49 12.26 24.10 -19.18
CA THR B 49 12.91 23.09 -18.36
C THR B 49 14.02 22.56 -19.23
N LEU B 50 15.24 22.49 -18.68
CA LEU B 50 16.38 21.90 -19.40
C LEU B 50 16.20 20.37 -19.49
N TRP B 51 16.30 19.83 -20.71
CA TRP B 51 16.12 18.39 -20.92
C TRP B 51 17.23 17.56 -20.28
N ILE B 52 18.47 17.97 -20.47
CA ILE B 52 19.57 17.25 -19.87
C ILE B 52 20.42 18.34 -19.21
N PRO B 53 20.28 18.46 -17.88
CA PRO B 53 20.69 19.64 -17.09
C PRO B 53 22.12 19.67 -16.55
N ASN B 54 22.97 18.71 -16.91
CA ASN B 54 24.29 18.60 -16.29
C ASN B 54 25.22 17.94 -17.28
N LYS B 55 26.47 18.43 -17.39
CA LYS B 55 27.39 17.96 -18.42
C LYS B 55 27.77 16.50 -18.22
N GLU B 56 27.82 16.06 -16.97
CA GLU B 56 28.20 14.68 -16.66
C GLU B 56 27.21 13.65 -17.24
N TYR B 57 25.93 14.03 -17.42
CA TYR B 57 24.94 13.15 -18.10
C TYR B 57 25.38 12.86 -19.54
N PHE B 58 25.91 13.87 -20.24
CA PHE B 58 26.48 13.61 -21.60
C PHE B 58 27.71 12.71 -21.55
N TRP B 59 28.52 12.93 -20.53
CA TRP B 59 29.72 12.11 -20.32
C TRP B 59 29.26 10.70 -20.04
N GLY B 60 28.30 10.57 -19.11
CA GLY B 60 27.66 9.28 -18.82
C GLY B 60 27.16 8.58 -20.05
N LEU B 61 26.36 9.29 -20.86
CA LEU B 61 25.85 8.81 -22.18
C LEU B 61 26.87 8.38 -23.23
N SER B 62 27.94 9.17 -23.39
CA SER B 62 29.04 8.79 -24.27
C SER B 62 29.61 7.41 -23.89
N LYS B 63 29.89 7.21 -22.60
CA LYS B 63 30.39 5.93 -22.05
C LYS B 63 29.46 4.80 -22.36
N PHE B 64 28.18 5.01 -22.04
CA PHE B 64 27.16 4.02 -22.38
C PHE B 64 27.24 3.70 -23.87
N LEU B 65 27.40 4.71 -24.71
CA LEU B 65 27.47 4.51 -26.18
C LEU B 65 28.73 3.77 -26.68
N GLY B 66 29.76 3.70 -25.85
CA GLY B 66 31.03 3.04 -26.24
C GLY B 66 32.06 4.05 -26.69
N THR B 67 31.68 5.33 -26.61
CA THR B 67 32.52 6.39 -27.03
C THR B 67 33.13 7.17 -25.88
N HIS B 68 33.60 8.37 -26.18
CA HIS B 68 34.48 9.07 -25.30
C HIS B 68 34.38 10.55 -25.38
N TRP B 69 35.43 11.27 -25.07
CA TRP B 69 35.43 12.71 -24.85
C TRP B 69 34.84 13.55 -26.00
N LEU B 70 35.06 13.10 -27.24
CA LEU B 70 34.66 13.86 -28.43
C LEU B 70 33.15 13.81 -28.63
N MET B 71 32.63 12.59 -28.81
CA MET B 71 31.17 12.36 -28.72
C MET B 71 30.53 13.00 -27.47
N GLY B 72 31.11 12.77 -26.29
CA GLY B 72 30.66 13.43 -25.04
C GLY B 72 30.35 14.92 -25.21
N ASN B 73 31.21 15.63 -25.95
CA ASN B 73 31.13 17.09 -26.14
C ASN B 73 30.28 17.52 -27.32
N ILE B 74 30.37 16.76 -28.39
CA ILE B 74 29.47 16.96 -29.52
C ILE B 74 28.03 16.94 -28.98
N LEU B 75 27.63 15.83 -28.34
CA LEU B 75 26.29 15.73 -27.69
C LEU B 75 25.96 16.93 -26.80
N ARG B 76 26.93 17.31 -25.98
CA ARG B 76 26.78 18.46 -25.10
C ARG B 76 26.66 19.78 -25.89
N LEU B 77 27.43 19.91 -26.96
CA LEU B 77 27.23 21.05 -27.88
C LEU B 77 25.86 21.04 -28.52
N LEU B 78 25.44 19.88 -29.01
CA LEU B 78 24.17 19.76 -29.71
C LEU B 78 22.94 19.86 -28.79
N PHE B 79 23.05 19.33 -27.57
CA PHE B 79 21.84 19.06 -26.79
C PHE B 79 21.78 19.74 -25.46
N GLY B 80 22.87 20.40 -25.10
CA GLY B 80 23.06 20.91 -23.74
C GLY B 80 22.20 22.08 -23.35
N SER B 81 21.48 22.66 -24.31
CA SER B 81 20.65 23.79 -23.97
C SER B 81 19.25 23.56 -24.54
N MET B 82 19.05 22.37 -25.11
CA MET B 82 17.70 21.91 -25.46
C MET B 82 16.76 21.85 -24.24
N THR B 83 15.55 22.37 -24.42
CA THR B 83 14.56 22.40 -23.36
C THR B 83 13.55 21.30 -23.61
N THR B 84 12.70 21.05 -22.64
CA THR B 84 11.54 20.14 -22.85
C THR B 84 10.28 20.96 -22.42
N PRO B 85 9.14 20.77 -23.09
CA PRO B 85 8.01 21.68 -22.90
C PRO B 85 7.23 21.52 -21.58
N ALA B 86 7.88 21.82 -20.48
CA ALA B 86 7.20 21.99 -19.17
C ALA B 86 7.76 23.26 -18.53
N ASN B 87 6.93 23.90 -17.72
CA ASN B 87 7.30 25.08 -16.97
C ASN B 87 8.09 24.74 -15.73
N TRP B 88 9.38 25.06 -15.73
CA TRP B 88 10.24 24.77 -14.58
C TRP B 88 9.80 25.47 -13.27
N ASN B 89 9.51 24.65 -12.25
CA ASN B 89 9.23 25.12 -10.88
C ASN B 89 7.95 25.93 -10.85
N SER B 90 7.16 25.84 -11.90
CA SER B 90 5.79 26.34 -11.89
C SER B 90 5.01 25.74 -10.68
N PRO B 91 4.13 26.54 -10.03
CA PRO B 91 3.28 26.02 -8.96
C PRO B 91 2.35 24.93 -9.49
N LEU B 92 1.96 24.02 -8.60
CA LEU B 92 0.96 22.99 -8.88
C LEU B 92 -0.44 23.60 -9.00
N ARG B 93 -1.22 23.17 -9.99
CA ARG B 93 -2.58 23.57 -10.08
C ARG B 93 -3.35 23.05 -8.84
N PRO B 94 -4.04 23.97 -8.09
CA PRO B 94 -4.70 23.63 -6.81
C PRO B 94 -6.09 23.12 -7.05
N GLY B 95 -6.78 22.67 -6.01
CA GLY B 95 -8.20 22.34 -6.14
C GLY B 95 -8.51 20.95 -6.69
N GLU B 96 -7.53 20.07 -6.62
CA GLU B 96 -7.69 18.74 -7.22
C GLU B 96 -6.61 17.78 -6.69
N LYS B 97 -7.03 16.53 -6.41
CA LYS B 97 -6.13 15.41 -6.07
C LYS B 97 -5.90 14.65 -7.37
N TYR B 98 -4.65 14.39 -7.69
CA TYR B 98 -4.26 13.86 -9.01
C TYR B 98 -3.81 12.41 -8.88
N PRO B 99 -4.16 11.56 -9.86
CA PRO B 99 -3.50 10.21 -9.79
C PRO B 99 -1.98 10.35 -9.99
N LEU B 100 -1.23 9.34 -9.57
CA LEU B 100 0.20 9.37 -9.51
C LEU B 100 0.78 8.18 -10.28
N VAL B 101 1.67 8.48 -11.20
CA VAL B 101 2.42 7.44 -11.85
C VAL B 101 3.86 7.57 -11.38
N VAL B 102 4.44 6.43 -10.99
CA VAL B 102 5.89 6.30 -10.79
C VAL B 102 6.48 5.68 -12.06
N PHE B 103 7.53 6.32 -12.62
CA PHE B 103 8.14 5.97 -13.95
C PHE B 103 9.62 5.56 -13.79
N SER B 104 9.94 4.37 -14.29
CA SER B 104 11.29 3.78 -14.27
C SER B 104 12.01 3.76 -15.64
N HIS B 105 13.23 4.35 -15.70
CA HIS B 105 14.00 4.46 -16.93
C HIS B 105 14.76 3.17 -17.30
N GLY B 106 15.17 3.05 -18.56
CA GLY B 106 15.88 1.89 -19.00
C GLY B 106 17.38 2.01 -18.71
N LEU B 107 18.12 0.99 -19.13
CA LEU B 107 19.57 0.90 -18.86
C LEU B 107 20.28 2.00 -19.67
N GLY B 108 21.26 2.67 -19.10
CA GLY B 108 21.92 3.77 -19.83
C GLY B 108 21.09 5.06 -19.93
N ALA B 109 19.92 5.13 -19.28
CA ALA B 109 19.12 6.37 -19.31
C ALA B 109 19.19 7.05 -17.99
N PHE B 110 18.28 7.98 -17.69
CA PHE B 110 18.16 8.62 -16.39
C PHE B 110 16.80 9.29 -16.36
N ARG B 111 16.52 10.09 -15.34
CA ARG B 111 15.18 10.54 -15.04
C ARG B 111 14.51 11.48 -16.08
N THR B 112 15.31 12.17 -16.87
CA THR B 112 14.79 13.26 -17.69
C THR B 112 14.50 12.79 -19.09
N LEU B 113 14.87 11.56 -19.38
CA LEU B 113 14.86 11.11 -20.76
C LEU B 113 13.50 10.56 -21.26
N TYR B 114 12.42 10.75 -20.49
CA TYR B 114 11.06 10.23 -20.88
C TYR B 114 10.01 11.34 -20.63
N SER B 115 10.47 12.57 -20.84
CA SER B 115 9.60 13.72 -20.65
C SER B 115 8.48 13.66 -21.66
N ALA B 116 8.64 12.99 -22.82
CA ALA B 116 7.52 13.00 -23.74
C ALA B 116 6.27 12.30 -23.18
N ILE B 117 6.50 11.11 -22.65
CA ILE B 117 5.57 10.36 -21.83
C ILE B 117 5.11 11.12 -20.58
N GLY B 118 6.04 11.53 -19.71
CA GLY B 118 5.72 12.25 -18.46
C GLY B 118 4.86 13.50 -18.66
N ILE B 119 5.23 14.30 -19.65
CA ILE B 119 4.54 15.60 -19.88
C ILE B 119 3.15 15.35 -20.45
N ASP B 120 3.02 14.38 -21.33
CA ASP B 120 1.66 14.04 -21.80
C ASP B 120 0.74 13.48 -20.67
N LEU B 121 1.25 12.62 -19.82
CA LEU B 121 0.43 12.18 -18.68
C LEU B 121 0.07 13.37 -17.77
N ALA B 122 1.05 14.18 -17.35
CA ALA B 122 0.75 15.39 -16.57
C ALA B 122 -0.32 16.29 -17.29
N SER B 123 -0.26 16.39 -18.61
CA SER B 123 -1.20 17.22 -19.34
C SER B 123 -2.59 16.67 -19.27
N HIS B 124 -2.72 15.39 -18.96
CA HIS B 124 -4.04 14.79 -18.73
C HIS B 124 -4.42 14.72 -17.25
N GLY B 125 -3.63 15.34 -16.38
CA GLY B 125 -4.02 15.44 -14.97
C GLY B 125 -3.43 14.40 -14.03
N PHE B 126 -2.24 13.89 -14.37
CA PHE B 126 -1.47 12.98 -13.48
C PHE B 126 -0.38 13.80 -12.93
N ILE B 127 0.10 13.47 -11.74
CA ILE B 127 1.46 13.76 -11.39
C ILE B 127 2.34 12.53 -11.78
N VAL B 128 3.52 12.79 -12.35
CA VAL B 128 4.42 11.71 -12.78
C VAL B 128 5.72 11.92 -12.04
N ALA B 129 6.15 10.88 -11.32
CA ALA B 129 7.47 10.85 -10.69
C ALA B 129 8.39 9.89 -11.41
N ALA B 130 9.28 10.46 -12.27
CA ALA B 130 10.26 9.75 -13.00
C ALA B 130 11.53 9.56 -12.11
N VAL B 131 11.75 8.34 -11.63
CA VAL B 131 12.84 8.00 -10.67
C VAL B 131 14.17 8.00 -11.37
N GLU B 132 15.22 8.41 -10.67
CA GLU B 132 16.55 8.12 -11.20
C GLU B 132 17.17 7.05 -10.30
N HIS B 133 17.53 5.93 -10.90
CA HIS B 133 18.05 4.77 -10.18
C HIS B 133 19.56 4.88 -9.81
N ARG B 134 19.90 4.50 -8.59
CA ARG B 134 21.30 4.43 -8.19
C ARG B 134 21.84 3.01 -8.12
N ASP B 135 21.39 2.13 -9.01
CA ASP B 135 21.82 0.71 -9.03
C ASP B 135 22.97 0.58 -10.04
N ARG B 136 23.42 1.71 -10.54
CA ARG B 136 24.39 1.82 -11.63
C ARG B 136 23.88 1.38 -13.01
N SER B 137 22.54 1.46 -13.21
CA SER B 137 21.98 1.23 -14.55
C SER B 137 21.81 2.53 -15.29
N ALA B 138 21.81 3.64 -14.54
CA ALA B 138 21.72 4.96 -15.18
C ALA B 138 23.08 5.31 -15.84
N SER B 139 23.05 5.98 -16.97
CA SER B 139 24.31 6.39 -17.61
C SER B 139 25.16 7.19 -16.60
N ALA B 140 24.48 8.09 -15.90
CA ALA B 140 25.04 8.89 -14.85
C ALA B 140 23.91 9.23 -13.90
N THR B 141 24.27 9.39 -12.63
CA THR B 141 23.46 10.04 -11.62
C THR B 141 24.40 10.67 -10.54
N TYR B 142 23.82 11.36 -9.58
CA TYR B 142 24.63 11.92 -8.53
C TYR B 142 23.87 12.00 -7.25
N TYR B 143 24.62 12.14 -6.17
CA TYR B 143 24.10 12.25 -4.84
C TYR B 143 25.19 13.06 -4.11
N PHE B 144 24.98 13.28 -2.81
CA PHE B 144 25.92 14.01 -1.95
C PHE B 144 26.46 13.11 -0.83
N LYS B 145 27.80 13.09 -0.70
CA LYS B 145 28.54 12.35 0.35
C LYS B 145 28.02 12.57 1.75
N ASP B 146 27.60 13.78 2.05
CA ASP B 146 27.05 14.08 3.35
C ASP B 146 26.23 15.33 3.21
N GLN B 147 25.51 15.70 4.26
CA GLN B 147 24.73 16.93 4.22
C GLN B 147 25.49 18.25 3.88
N SER B 148 26.78 18.39 4.25
CA SER B 148 27.53 19.63 3.84
C SER B 148 27.80 19.71 2.34
N ALA B 149 28.23 18.60 1.72
CA ALA B 149 28.43 18.57 0.27
C ALA B 149 27.11 18.96 -0.43
N ALA B 150 26.01 18.54 0.21
CA ALA B 150 24.67 18.79 -0.31
C ALA B 150 24.36 20.27 -0.31
N GLU B 151 24.68 20.91 0.82
CA GLU B 151 24.37 22.35 1.02
C GLU B 151 25.04 23.19 -0.06
N ILE B 152 26.25 22.77 -0.41
CA ILE B 152 27.08 23.53 -1.35
C ILE B 152 27.01 23.09 -2.81
N GLY B 153 26.20 22.07 -3.12
CA GLY B 153 26.00 21.67 -4.53
C GLY B 153 27.22 20.91 -4.99
N ASP B 154 27.87 20.27 -4.04
CA ASP B 154 29.07 19.52 -4.35
C ASP B 154 28.78 18.01 -4.64
N LYS B 155 28.55 17.73 -5.93
CA LYS B 155 27.94 16.49 -6.35
C LYS B 155 28.95 15.36 -6.41
N SER B 156 28.57 14.18 -5.93
CA SER B 156 29.32 12.96 -6.21
C SER B 156 28.62 12.20 -7.37
N TRP B 157 29.33 11.90 -8.45
CA TRP B 157 28.75 11.29 -9.66
C TRP B 157 28.97 9.78 -9.72
N LEU B 158 27.90 9.07 -10.07
CA LEU B 158 27.87 7.63 -10.16
C LEU B 158 27.56 7.26 -11.62
N TYR B 159 28.47 6.54 -12.24
CA TYR B 159 28.38 6.16 -13.65
C TYR B 159 28.04 4.70 -13.82
N LEU B 160 27.44 4.41 -14.96
CA LEU B 160 27.03 3.08 -15.37
C LEU B 160 28.12 2.03 -15.22
N ARG B 161 27.73 0.90 -14.63
CA ARG B 161 28.60 -0.25 -14.52
C ARG B 161 28.42 -1.18 -15.74
N THR B 162 29.51 -1.38 -16.49
CA THR B 162 29.59 -2.44 -17.50
C THR B 162 29.84 -3.73 -16.73
N LEU B 163 29.23 -4.83 -17.17
CA LEU B 163 29.31 -6.09 -16.41
C LEU B 163 30.04 -7.17 -17.16
N LYS B 164 30.71 -8.06 -16.41
CA LYS B 164 31.27 -9.30 -16.99
C LYS B 164 30.16 -10.33 -17.27
N GLN B 165 30.32 -11.09 -18.35
CA GLN B 165 29.42 -12.19 -18.73
C GLN B 165 28.93 -13.03 -17.53
N GLU B 166 29.87 -13.49 -16.71
CA GLU B 166 29.61 -14.34 -15.55
C GLU B 166 28.80 -13.64 -14.45
N GLU B 167 28.87 -12.31 -14.42
CA GLU B 167 28.08 -11.50 -13.47
C GLU B 167 26.61 -11.19 -13.89
N GLU B 168 26.26 -11.39 -15.16
CA GLU B 168 25.02 -10.84 -15.72
C GLU B 168 23.75 -11.28 -14.98
N THR B 169 23.52 -12.58 -14.86
CA THR B 169 22.30 -13.06 -14.20
C THR B 169 22.18 -12.54 -12.77
N HIS B 170 23.24 -12.71 -11.98
CA HIS B 170 23.18 -12.31 -10.58
C HIS B 170 23.03 -10.78 -10.38
N ILE B 171 23.90 -9.98 -11.04
CA ILE B 171 23.88 -8.50 -10.88
C ILE B 171 22.57 -7.86 -11.48
N ARG B 172 22.07 -8.37 -12.59
CA ARG B 172 20.83 -7.79 -13.15
C ARG B 172 19.68 -7.99 -12.19
N ASN B 173 19.54 -9.22 -11.70
CA ASN B 173 18.60 -9.45 -10.61
C ASN B 173 18.80 -8.56 -9.36
N GLU B 174 20.03 -8.38 -8.88
CA GLU B 174 20.28 -7.45 -7.76
C GLU B 174 19.82 -6.02 -8.12
N GLN B 175 20.17 -5.57 -9.31
CA GLN B 175 19.78 -4.24 -9.81
C GLN B 175 18.23 -4.08 -9.96
N VAL B 176 17.58 -5.07 -10.58
CA VAL B 176 16.11 -4.99 -10.63
C VAL B 176 15.42 -4.97 -9.25
N ARG B 177 16.00 -5.59 -8.25
CA ARG B 177 15.39 -5.50 -6.91
C ARG B 177 15.67 -4.18 -6.23
N GLN B 178 16.85 -3.64 -6.45
CA GLN B 178 17.12 -2.28 -5.91
C GLN B 178 16.19 -1.26 -6.64
N ARG B 179 16.02 -1.40 -7.98
CA ARG B 179 15.09 -0.50 -8.73
C ARG B 179 13.62 -0.51 -8.16
N ALA B 180 13.14 -1.70 -7.83
CA ALA B 180 11.82 -1.82 -7.23
C ALA B 180 11.79 -1.19 -5.84
N LYS B 181 12.82 -1.43 -5.02
CA LYS B 181 13.03 -0.70 -3.73
C LYS B 181 12.94 0.83 -3.94
N GLU B 182 13.57 1.33 -5.00
CA GLU B 182 13.56 2.77 -5.30
C GLU B 182 12.24 3.31 -5.76
N CYS B 183 11.47 2.53 -6.54
CA CYS B 183 10.11 2.91 -6.93
C CYS B 183 9.20 2.94 -5.73
N SER B 184 9.26 1.92 -4.90
CA SER B 184 8.52 1.93 -3.60
C SER B 184 8.90 3.06 -2.68
N GLN B 185 10.19 3.35 -2.55
CA GLN B 185 10.62 4.49 -1.73
C GLN B 185 10.21 5.85 -2.29
N ALA B 186 10.23 6.02 -3.62
CA ALA B 186 9.73 7.22 -4.24
C ALA B 186 8.28 7.43 -4.02
N LEU B 187 7.47 6.37 -4.11
CA LEU B 187 6.06 6.53 -3.85
C LEU B 187 5.81 6.94 -2.35
N SER B 188 6.50 6.27 -1.46
CA SER B 188 6.41 6.55 -0.05
C SER B 188 6.77 8.01 0.29
N LEU B 189 7.82 8.54 -0.35
CA LEU B 189 8.20 9.95 -0.21
C LEU B 189 7.03 10.83 -0.62
N ILE B 190 6.57 10.65 -1.87
CA ILE B 190 5.43 11.42 -2.32
C ILE B 190 4.17 11.31 -1.45
N LEU B 191 3.83 10.10 -1.02
CA LEU B 191 2.64 9.93 -0.17
C LEU B 191 2.85 10.56 1.24
N ASP B 192 4.06 10.47 1.78
CA ASP B 192 4.45 11.15 3.09
C ASP B 192 4.27 12.69 3.03
N ILE B 193 4.75 13.29 1.94
CA ILE B 193 4.58 14.71 1.62
C ILE B 193 3.08 15.05 1.42
N ASP B 194 2.36 14.19 0.71
CA ASP B 194 0.93 14.34 0.55
C ASP B 194 0.23 14.46 1.92
N HIS B 195 0.81 13.86 2.94
CA HIS B 195 0.20 13.87 4.28
C HIS B 195 0.98 14.79 5.25
N GLY B 196 1.79 15.69 4.70
CA GLY B 196 2.36 16.76 5.51
C GLY B 196 3.73 16.53 6.07
N LYS B 197 4.38 15.40 5.76
CA LYS B 197 5.75 15.28 6.25
C LYS B 197 6.55 16.53 5.80
N PRO B 198 7.31 17.14 6.75
CA PRO B 198 8.19 18.20 6.30
C PRO B 198 9.37 17.52 5.65
N VAL B 199 9.68 18.00 4.45
CA VAL B 199 10.76 17.44 3.67
C VAL B 199 11.55 18.63 3.23
N LYS B 200 12.85 18.58 3.41
CA LYS B 200 13.72 19.59 2.84
C LYS B 200 14.48 19.04 1.64
N ASN B 201 14.10 19.47 0.44
CA ASN B 201 14.69 18.98 -0.83
C ASN B 201 16.19 19.20 -0.74
N ALA B 202 16.99 18.19 -1.03
CA ALA B 202 18.43 18.33 -1.04
C ALA B 202 18.90 19.28 -2.15
N LEU B 203 18.03 19.54 -3.13
CA LEU B 203 18.27 20.50 -4.19
C LEU B 203 17.61 21.87 -3.86
N ASP B 204 18.26 22.95 -4.27
CA ASP B 204 17.83 24.30 -3.90
C ASP B 204 16.92 24.90 -4.99
N LEU B 205 15.69 24.39 -5.13
CA LEU B 205 14.80 24.80 -6.23
C LEU B 205 13.59 25.55 -5.69
N LYS B 206 12.86 26.25 -6.55
CA LYS B 206 11.83 27.24 -6.16
C LYS B 206 10.42 26.64 -5.91
N PHE B 207 10.16 25.43 -6.41
CA PHE B 207 8.89 24.72 -6.11
C PHE B 207 8.95 24.25 -4.64
N ASP B 208 8.05 24.72 -3.79
CA ASP B 208 8.04 24.25 -2.41
C ASP B 208 7.22 22.95 -2.30
N MET B 209 7.88 21.90 -1.87
CA MET B 209 7.24 20.57 -1.81
C MET B 209 5.91 20.51 -1.03
N GLU B 210 5.73 21.46 -0.10
CA GLU B 210 4.48 21.61 0.66
C GLU B 210 3.27 21.81 -0.24
N GLN B 211 3.46 22.21 -1.49
CA GLN B 211 2.29 22.33 -2.38
C GLN B 211 1.58 20.97 -2.64
N LEU B 212 2.34 19.89 -2.55
CA LEU B 212 1.80 18.56 -2.82
C LEU B 212 0.95 18.03 -1.66
N LYS B 213 0.91 18.71 -0.50
CA LYS B 213 0.10 18.26 0.65
C LYS B 213 -1.33 18.15 0.18
N ASP B 214 -1.96 17.00 0.48
CA ASP B 214 -3.34 16.78 0.05
C ASP B 214 -3.59 16.90 -1.43
N SER B 215 -2.61 16.53 -2.25
CA SER B 215 -2.80 16.61 -3.71
C SER B 215 -2.76 15.30 -4.51
N ILE B 216 -2.47 14.18 -3.82
CA ILE B 216 -2.47 12.83 -4.42
C ILE B 216 -3.81 12.06 -4.21
N ASP B 217 -4.34 11.52 -5.30
CA ASP B 217 -5.47 10.58 -5.24
C ASP B 217 -4.81 9.23 -4.89
N ARG B 218 -4.87 8.90 -3.61
CA ARG B 218 -3.97 7.90 -3.03
C ARG B 218 -4.29 6.49 -3.42
N GLU B 219 -5.49 6.30 -3.93
CA GLU B 219 -5.86 4.98 -4.43
C GLU B 219 -5.54 4.78 -5.89
N LYS B 220 -5.18 5.87 -6.58
CA LYS B 220 -5.01 5.84 -8.03
C LYS B 220 -3.52 5.95 -8.37
N ILE B 221 -2.79 4.87 -8.14
CA ILE B 221 -1.35 4.84 -8.34
C ILE B 221 -0.97 3.70 -9.30
N ALA B 222 -0.10 4.02 -10.24
CA ALA B 222 0.41 3.05 -11.19
C ALA B 222 1.93 3.20 -11.32
N VAL B 223 2.59 2.12 -11.75
CA VAL B 223 4.04 2.16 -12.14
C VAL B 223 4.18 1.88 -13.66
N ILE B 224 4.98 2.67 -14.35
CA ILE B 224 5.24 2.52 -15.83
C ILE B 224 6.76 2.50 -16.01
N GLY B 225 7.26 1.77 -17.01
CA GLY B 225 8.72 1.78 -17.19
C GLY B 225 9.08 1.25 -18.55
N HIS B 226 10.24 1.68 -19.06
CA HIS B 226 10.73 1.26 -20.37
C HIS B 226 11.91 0.30 -20.23
N SER B 227 11.89 -0.87 -20.88
CA SER B 227 13.03 -1.79 -21.00
C SER B 227 13.57 -2.36 -19.63
N PHE B 228 14.70 -1.95 -19.08
CA PHE B 228 15.01 -2.33 -17.71
C PHE B 228 13.86 -1.84 -16.82
N GLY B 229 13.35 -0.63 -17.06
CA GLY B 229 12.18 -0.11 -16.33
C GLY B 229 10.90 -0.97 -16.50
N GLY B 230 10.81 -1.74 -17.56
CA GLY B 230 9.66 -2.68 -17.79
C GLY B 230 9.73 -3.90 -16.90
N ALA B 231 10.91 -4.47 -16.77
CA ALA B 231 11.19 -5.43 -15.66
C ALA B 231 10.97 -4.80 -14.33
N THR B 232 11.32 -3.52 -14.17
CA THR B 232 11.16 -2.87 -12.88
C THR B 232 9.66 -2.77 -12.47
N VAL B 233 8.81 -2.42 -13.45
CA VAL B 233 7.36 -2.44 -13.25
C VAL B 233 6.92 -3.79 -12.62
N ILE B 234 7.37 -4.90 -13.23
CA ILE B 234 6.95 -6.21 -12.75
C ILE B 234 7.38 -6.50 -11.30
N GLN B 235 8.65 -6.32 -11.02
CA GLN B 235 9.28 -6.54 -9.70
C GLN B 235 8.60 -5.67 -8.60
N THR B 236 8.37 -4.40 -8.93
CA THR B 236 7.66 -3.45 -8.07
C THR B 236 6.19 -3.89 -7.77
N LEU B 237 5.44 -4.25 -8.83
CA LEU B 237 4.06 -4.72 -8.64
C LEU B 237 4.10 -5.90 -7.72
N SER B 238 5.05 -6.82 -7.94
CA SER B 238 5.17 -7.97 -7.07
C SER B 238 5.45 -7.64 -5.56
N GLU B 239 6.27 -6.61 -5.31
CA GLU B 239 6.72 -6.25 -3.93
C GLU B 239 5.78 -5.25 -3.23
N ASP B 240 4.81 -4.66 -3.94
CA ASP B 240 4.17 -3.46 -3.41
C ASP B 240 2.75 -3.27 -3.93
N GLN B 241 1.82 -3.60 -3.06
CA GLN B 241 0.41 -3.63 -3.40
C GLN B 241 -0.20 -2.25 -3.44
N ARG B 242 0.51 -1.21 -3.01
CA ARG B 242 -0.01 0.15 -3.24
C ARG B 242 -0.09 0.48 -4.75
N PHE B 243 0.83 -0.02 -5.59
CA PHE B 243 0.63 0.20 -7.03
C PHE B 243 -0.55 -0.61 -7.53
N ARG B 244 -1.50 0.01 -8.21
CA ARG B 244 -2.75 -0.74 -8.56
C ARG B 244 -2.70 -1.40 -9.93
N CYS B 245 -1.77 -0.97 -10.77
CA CYS B 245 -1.57 -1.56 -12.11
C CYS B 245 -0.20 -1.12 -12.67
N GLY B 246 0.27 -1.84 -13.70
CA GLY B 246 1.54 -1.48 -14.32
C GLY B 246 1.46 -1.44 -15.83
N ILE B 247 2.30 -0.63 -16.41
CA ILE B 247 2.49 -0.62 -17.88
C ILE B 247 3.96 -0.76 -18.19
N ALA B 248 4.31 -1.88 -18.83
CA ALA B 248 5.69 -2.24 -19.21
C ALA B 248 5.83 -1.83 -20.68
N LEU B 249 6.70 -0.85 -20.93
CA LEU B 249 7.00 -0.35 -22.32
C LEU B 249 8.25 -1.12 -22.86
N ASP B 250 8.04 -2.05 -23.79
CA ASP B 250 9.13 -2.83 -24.42
C ASP B 250 10.05 -3.38 -23.36
N ALA B 251 9.46 -4.10 -22.39
CA ALA B 251 10.20 -4.66 -21.24
C ALA B 251 11.36 -5.60 -21.65
N TRP B 252 12.47 -5.51 -20.94
CA TRP B 252 13.59 -6.43 -21.07
C TRP B 252 13.49 -7.35 -19.81
N MET B 253 13.18 -8.62 -20.01
CA MET B 253 12.71 -9.47 -18.93
C MET B 253 13.82 -10.24 -18.21
N PHE B 254 15.02 -10.21 -18.80
CA PHE B 254 16.17 -11.01 -18.32
C PHE B 254 16.44 -10.87 -16.82
N PRO B 255 16.38 -9.64 -16.28
CA PRO B 255 16.74 -9.48 -14.89
C PRO B 255 15.84 -10.18 -13.89
N LEU B 256 14.60 -10.54 -14.27
CA LEU B 256 13.64 -11.05 -13.25
C LEU B 256 13.99 -12.47 -12.83
N GLY B 257 13.78 -12.77 -11.56
CA GLY B 257 13.92 -14.15 -11.09
C GLY B 257 12.72 -14.99 -11.47
N ASP B 258 12.86 -16.29 -11.50
CA ASP B 258 11.70 -17.20 -11.75
C ASP B 258 10.49 -17.02 -10.81
N GLU B 259 10.79 -16.67 -9.56
CA GLU B 259 9.77 -16.59 -8.51
C GLU B 259 8.76 -15.45 -8.75
N VAL B 260 9.14 -14.42 -9.49
CA VAL B 260 8.26 -13.28 -9.65
C VAL B 260 6.99 -13.56 -10.46
N TYR B 261 7.15 -14.40 -11.48
CA TYR B 261 6.14 -14.61 -12.56
C TYR B 261 4.75 -14.99 -12.09
N SER B 262 4.66 -15.67 -10.99
CA SER B 262 3.35 -16.07 -10.44
C SER B 262 2.84 -15.15 -9.33
N ARG B 263 3.53 -14.02 -9.07
CA ARG B 263 3.26 -13.23 -7.86
C ARG B 263 2.99 -11.81 -8.22
N ILE B 264 2.24 -11.59 -9.28
CA ILE B 264 1.91 -10.28 -9.72
C ILE B 264 0.41 -10.28 -9.80
N PRO B 265 -0.30 -9.90 -8.70
CA PRO B 265 -1.79 -9.88 -8.78
C PRO B 265 -2.37 -8.73 -9.61
N GLN B 266 -1.66 -7.59 -9.76
CA GLN B 266 -2.26 -6.41 -10.45
C GLN B 266 -2.39 -6.60 -11.98
N PRO B 267 -3.33 -5.86 -12.62
CA PRO B 267 -3.37 -5.70 -14.11
C PRO B 267 -2.08 -5.15 -14.66
N LEU B 268 -1.66 -5.76 -15.76
CA LEU B 268 -0.37 -5.52 -16.34
C LEU B 268 -0.53 -5.37 -17.85
N PHE B 269 0.02 -4.32 -18.42
CA PHE B 269 -0.11 -4.00 -19.86
C PHE B 269 1.28 -3.94 -20.49
N PHE B 270 1.54 -4.83 -21.47
CA PHE B 270 2.79 -4.80 -22.20
C PHE B 270 2.60 -4.03 -23.52
N ILE B 271 3.34 -2.95 -23.74
CA ILE B 271 3.26 -2.23 -24.99
C ILE B 271 4.64 -2.37 -25.65
N ASN B 272 4.68 -3.10 -26.74
CA ASN B 272 5.95 -3.42 -27.39
C ASN B 272 6.23 -2.68 -28.68
N SER B 273 7.51 -2.55 -28.98
CA SER B 273 7.88 -2.15 -30.31
C SER B 273 8.00 -3.42 -31.20
N GLU B 274 7.85 -3.23 -32.50
CA GLU B 274 7.90 -4.33 -33.45
C GLU B 274 9.33 -4.87 -33.58
N TYR B 275 10.33 -3.99 -33.55
CA TYR B 275 11.70 -4.39 -33.94
C TYR B 275 12.66 -4.74 -32.80
N PHE B 276 12.28 -4.44 -31.55
CA PHE B 276 13.09 -4.86 -30.41
C PHE B 276 12.85 -6.29 -29.97
N GLN B 277 11.63 -6.81 -30.08
CA GLN B 277 11.31 -8.09 -29.39
C GLN B 277 11.83 -9.41 -30.03
N TYR B 278 12.12 -10.38 -29.17
CA TYR B 278 12.56 -11.73 -29.61
C TYR B 278 11.90 -12.79 -28.70
N PRO B 279 11.81 -14.07 -29.17
CA PRO B 279 11.07 -15.16 -28.48
C PRO B 279 11.45 -15.42 -27.03
N ALA B 280 12.76 -15.39 -26.70
CA ALA B 280 13.23 -15.59 -25.32
C ALA B 280 12.63 -14.56 -24.35
N ASN B 281 12.39 -13.37 -24.86
CA ASN B 281 11.89 -12.27 -24.04
C ASN B 281 10.36 -12.34 -23.96
N ILE B 282 9.72 -12.52 -25.12
CA ILE B 282 8.27 -12.68 -25.22
C ILE B 282 7.76 -13.75 -24.29
N ILE B 283 8.52 -14.84 -24.21
CA ILE B 283 8.08 -16.04 -23.49
C ILE B 283 8.03 -15.73 -22.00
N LYS B 284 8.90 -14.83 -21.55
CA LYS B 284 8.83 -14.33 -20.16
C LYS B 284 7.61 -13.48 -19.90
N MET B 285 7.22 -12.69 -20.89
CA MET B 285 6.04 -11.91 -20.79
C MET B 285 4.86 -12.85 -20.66
N LYS B 286 4.86 -13.96 -21.45
CA LYS B 286 3.73 -14.91 -21.44
C LYS B 286 3.71 -15.72 -20.10
N LYS B 287 4.87 -15.91 -19.47
CA LYS B 287 4.95 -16.47 -18.11
C LYS B 287 4.19 -15.64 -17.05
N CYS B 288 4.00 -14.33 -17.31
CA CYS B 288 3.21 -13.47 -16.38
C CYS B 288 1.71 -13.72 -16.47
N TYR B 289 1.26 -14.21 -17.62
CA TYR B 289 -0.20 -14.43 -17.81
C TYR B 289 -0.64 -15.60 -16.93
N SER B 290 -1.93 -15.56 -16.56
CA SER B 290 -2.61 -16.51 -15.71
C SER B 290 -4.12 -16.14 -15.94
N PRO B 291 -5.01 -17.17 -16.09
CA PRO B 291 -6.44 -16.94 -16.39
C PRO B 291 -7.14 -16.08 -15.33
N ASP B 292 -6.68 -16.16 -14.08
CA ASP B 292 -7.22 -15.35 -12.95
C ASP B 292 -6.75 -13.88 -12.92
N LYS B 293 -5.89 -13.49 -13.86
CA LYS B 293 -5.27 -12.14 -13.81
C LYS B 293 -5.45 -11.33 -15.12
N GLU B 294 -5.52 -9.99 -15.03
CA GLU B 294 -5.69 -9.17 -16.22
C GLU B 294 -4.34 -8.80 -16.84
N ARG B 295 -4.19 -9.14 -18.11
CA ARG B 295 -3.01 -8.88 -18.91
C ARG B 295 -3.39 -8.52 -20.34
N LYS B 296 -2.75 -7.53 -20.86
CA LYS B 296 -2.92 -7.20 -22.27
C LYS B 296 -1.53 -7.00 -22.92
N MET B 297 -1.45 -7.09 -24.24
CA MET B 297 -0.23 -6.81 -24.99
C MET B 297 -0.58 -6.33 -26.37
N ILE B 298 0.15 -5.30 -26.80
CA ILE B 298 0.10 -4.75 -28.14
C ILE B 298 1.48 -4.42 -28.62
N THR B 299 1.64 -4.44 -29.93
CA THR B 299 2.89 -4.09 -30.54
C THR B 299 2.62 -2.93 -31.48
N ILE B 300 3.48 -1.92 -31.43
CA ILE B 300 3.34 -0.79 -32.32
C ILE B 300 4.10 -1.06 -33.66
N ARG B 301 3.36 -1.15 -34.76
CA ARG B 301 3.90 -1.49 -36.11
C ARG B 301 4.95 -0.48 -36.51
N GLY B 302 6.10 -0.97 -36.95
CA GLY B 302 7.13 -0.11 -37.53
C GLY B 302 7.99 0.57 -36.50
N SER B 303 7.85 0.19 -35.23
CA SER B 303 8.56 0.90 -34.16
C SER B 303 9.86 0.22 -33.71
N VAL B 304 10.78 1.02 -33.19
CA VAL B 304 12.03 0.51 -32.56
C VAL B 304 11.96 0.75 -31.04
N HIS B 305 12.96 0.23 -30.33
CA HIS B 305 13.09 0.42 -28.89
C HIS B 305 13.00 1.86 -28.43
N GLN B 306 13.76 2.72 -29.08
CA GLN B 306 13.88 4.13 -28.75
C GLN B 306 12.64 4.96 -29.04
N ASN B 307 11.63 4.41 -29.71
CA ASN B 307 10.36 5.19 -29.90
C ASN B 307 9.71 5.65 -28.57
N PHE B 308 10.03 4.95 -27.47
CA PHE B 308 9.47 5.24 -26.14
C PHE B 308 10.28 6.29 -25.33
N ALA B 309 11.50 6.60 -25.77
CA ALA B 309 12.40 7.56 -25.10
C ALA B 309 12.58 8.90 -25.86
N ASP B 310 13.09 9.95 -25.19
CA ASP B 310 13.16 11.30 -25.81
C ASP B 310 14.11 11.49 -26.98
N PHE B 311 15.07 10.56 -27.18
CA PHE B 311 16.07 10.66 -28.28
C PHE B 311 15.51 10.38 -29.68
N THR B 312 14.31 9.83 -29.70
CA THR B 312 13.53 9.68 -30.90
C THR B 312 13.08 11.05 -31.48
N PHE B 313 13.23 12.12 -30.70
CA PHE B 313 12.85 13.49 -31.10
C PHE B 313 14.08 14.37 -31.25
N ALA B 314 15.25 13.76 -31.12
CA ALA B 314 16.49 14.51 -30.99
C ALA B 314 17.20 14.87 -32.32
N THR B 315 16.81 14.22 -33.42
CA THR B 315 17.51 14.33 -34.71
C THR B 315 16.51 14.25 -35.88
N GLY B 316 17.02 14.37 -37.11
CA GLY B 316 16.20 14.25 -38.31
C GLY B 316 15.89 12.79 -38.63
N LYS B 317 14.99 12.58 -39.59
CA LYS B 317 14.50 11.25 -39.93
C LYS B 317 15.63 10.33 -40.35
N ILE B 318 16.61 10.94 -41.04
CA ILE B 318 17.67 10.22 -41.74
C ILE B 318 18.74 9.72 -40.77
N ILE B 319 19.35 10.65 -40.04
CA ILE B 319 20.28 10.29 -38.97
C ILE B 319 19.56 9.33 -37.97
N GLY B 320 18.36 9.71 -37.51
CA GLY B 320 17.60 8.96 -36.49
C GLY B 320 17.29 7.55 -36.94
N HIS B 321 16.91 7.38 -38.21
CA HIS B 321 16.65 6.03 -38.72
C HIS B 321 17.92 5.16 -38.79
N MET B 322 19.05 5.76 -39.06
CA MET B 322 20.32 5.00 -39.17
C MET B 322 20.89 4.61 -37.79
N LEU B 323 20.64 5.46 -36.78
CA LEU B 323 21.07 5.27 -35.40
C LEU B 323 20.03 4.49 -34.60
N LYS B 324 18.98 4.05 -35.31
CA LYS B 324 17.84 3.34 -34.74
C LYS B 324 17.21 4.06 -33.58
N LEU B 325 17.16 5.38 -33.70
CA LEU B 325 16.49 6.23 -32.73
C LEU B 325 15.06 6.38 -33.17
N LYS B 326 14.86 6.08 -34.45
CA LYS B 326 13.60 6.24 -35.12
C LYS B 326 13.33 4.97 -35.93
N GLY B 327 12.05 4.69 -36.21
CA GLY B 327 11.68 3.48 -36.93
C GLY B 327 10.92 3.85 -38.19
N ASP B 328 10.16 2.89 -38.74
CA ASP B 328 9.38 3.16 -39.94
C ASP B 328 8.12 4.00 -39.67
N ILE B 329 7.66 4.03 -38.43
CA ILE B 329 6.52 4.87 -38.06
C ILE B 329 7.04 6.26 -37.69
N ASP B 330 6.18 7.29 -37.84
CA ASP B 330 6.48 8.64 -37.35
C ASP B 330 6.63 8.55 -35.81
N SER B 331 7.65 9.21 -35.24
CA SER B 331 7.86 9.16 -33.76
C SER B 331 6.72 9.83 -32.97
N ASN B 332 6.17 10.92 -33.52
CA ASN B 332 4.97 11.52 -32.93
C ASN B 332 3.75 10.62 -32.96
N VAL B 333 3.56 9.87 -34.04
CA VAL B 333 2.48 8.85 -34.13
C VAL B 333 2.60 7.67 -33.14
N ALA B 334 3.80 7.07 -33.09
CA ALA B 334 4.11 5.98 -32.16
C ALA B 334 3.91 6.38 -30.66
N ILE B 335 4.51 7.49 -30.22
CA ILE B 335 4.30 7.92 -28.78
C ILE B 335 2.84 8.28 -28.44
N ASP B 336 2.17 8.88 -29.43
CA ASP B 336 0.79 9.21 -29.25
C ASP B 336 -0.01 7.96 -29.07
N LEU B 337 0.30 6.95 -29.88
CA LEU B 337 -0.47 5.67 -29.76
C LEU B 337 -0.20 5.01 -28.39
N SER B 338 1.06 5.01 -27.96
CA SER B 338 1.42 4.42 -26.68
C SER B 338 0.73 5.20 -25.52
N ASN B 339 0.74 6.53 -25.60
CA ASN B 339 0.10 7.39 -24.57
C ASN B 339 -1.42 7.21 -24.46
N LYS B 340 -2.11 7.24 -25.60
CA LYS B 340 -3.54 6.89 -25.68
C LYS B 340 -3.92 5.54 -25.18
N ALA B 341 -3.17 4.53 -25.59
CA ALA B 341 -3.44 3.21 -25.04
C ALA B 341 -3.19 3.18 -23.50
N SER B 342 -2.09 3.77 -23.04
CA SER B 342 -1.83 3.87 -21.60
C SER B 342 -2.91 4.57 -20.77
N LEU B 343 -3.33 5.76 -21.22
CA LEU B 343 -4.51 6.47 -20.63
C LEU B 343 -5.79 5.60 -20.51
N ALA B 344 -6.10 4.89 -21.59
CA ALA B 344 -7.25 3.94 -21.63
C ALA B 344 -7.14 2.80 -20.56
N PHE B 345 -5.93 2.25 -20.43
CA PHE B 345 -5.71 1.14 -19.50
C PHE B 345 -5.72 1.66 -18.07
N LEU B 346 -5.06 2.80 -17.87
CA LEU B 346 -5.09 3.48 -16.54
C LEU B 346 -6.54 3.89 -16.09
N GLN B 347 -7.32 4.46 -17.01
CA GLN B 347 -8.77 4.71 -16.70
C GLN B 347 -9.51 3.41 -16.26
N LYS B 348 -9.38 2.37 -17.05
CA LYS B 348 -9.99 1.09 -16.76
C LYS B 348 -9.60 0.51 -15.40
N HIS B 349 -8.31 0.55 -15.07
CA HIS B 349 -7.83 -0.14 -13.86
C HIS B 349 -7.59 0.73 -12.65
N LEU B 350 -7.56 2.04 -12.84
CA LEU B 350 -7.49 2.88 -11.63
C LEU B 350 -8.87 3.50 -11.37
N GLY B 351 -9.85 3.22 -12.22
CA GLY B 351 -11.19 3.78 -12.05
C GLY B 351 -11.31 5.30 -12.30
N LEU B 352 -10.69 5.81 -13.36
CA LEU B 352 -10.71 7.27 -13.56
C LEU B 352 -12.04 7.74 -14.15
N HIS B 353 -12.44 8.95 -13.75
CA HIS B 353 -13.62 9.57 -14.31
C HIS B 353 -13.12 10.54 -15.35
N LYS B 354 -12.79 9.99 -16.54
CA LYS B 354 -12.33 10.79 -17.65
C LYS B 354 -12.92 10.14 -18.89
N ASP B 355 -12.55 10.63 -20.06
CA ASP B 355 -13.06 10.01 -21.26
C ASP B 355 -11.98 9.27 -22.05
N PHE B 356 -10.91 8.81 -21.36
CA PHE B 356 -9.78 8.05 -21.98
C PHE B 356 -10.28 6.73 -22.52
N ASP B 357 -11.43 6.31 -22.02
CA ASP B 357 -12.11 5.12 -22.57
C ASP B 357 -12.54 5.25 -24.05
N GLN B 358 -12.43 6.42 -24.64
CA GLN B 358 -12.56 6.51 -26.08
C GLN B 358 -11.41 5.75 -26.83
N TRP B 359 -10.27 5.50 -26.14
CA TRP B 359 -9.17 4.74 -26.75
C TRP B 359 -9.08 3.27 -26.34
N ASP B 360 -10.16 2.71 -25.77
CA ASP B 360 -10.23 1.29 -25.35
C ASP B 360 -9.88 0.32 -26.48
N CYS B 361 -10.21 0.70 -27.72
CA CYS B 361 -9.83 -0.07 -28.93
C CYS B 361 -8.32 -0.31 -29.05
N LEU B 362 -7.52 0.67 -28.61
CA LEU B 362 -6.09 0.60 -28.69
C LEU B 362 -5.49 -0.47 -27.77
N ILE B 363 -6.09 -0.66 -26.59
CA ILE B 363 -5.72 -1.76 -25.70
C ILE B 363 -5.84 -3.14 -26.38
N GLU B 364 -6.82 -3.25 -27.31
CA GLU B 364 -7.03 -4.49 -28.05
C GLU B 364 -6.24 -4.54 -29.38
N GLY B 365 -5.36 -3.57 -29.60
CA GLY B 365 -4.56 -3.57 -30.83
C GLY B 365 -5.33 -3.19 -32.10
N ASP B 366 -6.50 -2.58 -31.90
CA ASP B 366 -7.42 -2.29 -33.00
C ASP B 366 -7.23 -0.92 -33.67
N ASP B 367 -6.15 -0.82 -34.44
CA ASP B 367 -5.70 0.41 -35.10
C ASP B 367 -4.79 -0.03 -36.26
N GLU B 368 -4.77 0.67 -37.38
CA GLU B 368 -3.83 0.34 -38.46
C GLU B 368 -2.35 0.27 -38.06
N ASN B 369 -1.95 0.95 -36.98
CA ASN B 369 -0.56 0.92 -36.57
C ASN B 369 -0.29 0.02 -35.35
N LEU B 370 -1.24 -0.83 -34.99
CA LEU B 370 -1.07 -1.71 -33.85
C LEU B 370 -1.21 -3.18 -34.32
N ILE B 371 -0.57 -4.07 -33.56
CA ILE B 371 -0.69 -5.52 -33.63
C ILE B 371 -1.24 -5.87 -32.25
N PRO B 372 -2.44 -6.50 -32.17
CA PRO B 372 -2.82 -7.20 -30.93
C PRO B 372 -1.79 -8.30 -30.58
N GLY B 373 -1.36 -8.42 -29.32
CA GLY B 373 -0.40 -9.48 -29.00
C GLY B 373 0.97 -9.09 -29.55
N THR B 374 1.67 -10.05 -30.18
CA THR B 374 3.02 -9.83 -30.73
C THR B 374 3.19 -10.51 -32.11
N ASN B 375 4.11 -9.96 -32.91
CA ASN B 375 4.55 -10.59 -34.16
C ASN B 375 5.31 -11.94 -33.98
N ILE B 376 6.08 -12.06 -32.89
CA ILE B 376 6.75 -13.29 -32.47
C ILE B 376 5.69 -14.42 -32.40
N ASN B 377 6.08 -15.68 -32.23
CA ASN B 377 5.04 -16.75 -32.03
C ASN B 377 5.43 -17.89 -31.05
#